data_4JFO
#
_entry.id   4JFO
#
_cell.length_a   50.283
_cell.length_b   63.255
_cell.length_c   75.098
_cell.angle_alpha   81.960
_cell.angle_beta   76.090
_cell.angle_gamma   77.980
#
_symmetry.space_group_name_H-M   'P 1'
#
loop_
_entity.id
_entity.type
_entity.pdbx_description
1 polymer 'HLA class I histocompatibility antigen, A-2 alpha chain'
2 polymer Beta-2-microglobulin
3 polymer 'E1A heteroclitic Melanoma peptide'
4 non-polymer GLYCEROL
5 non-polymer 'SULFATE ION'
6 water water
#
loop_
_entity_poly.entity_id
_entity_poly.type
_entity_poly.pdbx_seq_one_letter_code
_entity_poly.pdbx_strand_id
1 'polypeptide(L)'
;GSHSMRYFFTSVSRPGRGEPRFIAVGYVDDTQFVRFDSDAASQRMEPRAPWIEQEGPEYWDGETRKVKAHSQTHRVDLGT
LRGYYNQSEAGSHTVQRMYGCDVGSDWRFLRGYHQYAYDGKDYIALKEDLRSWTAADMAAQTTKHKWEAAHVAEQLRAYL
EGTCVEWLRRYLENGKETLQRTDAPKTHMTHHAVSDHEATLRCWALSFYPAEITLTWQRDGEDQTQDTELVETRPAGDGT
FQKWAAVVVPSGQEQRYTCHVQHEGLPKPLTLRWE
;
A,D
2 'polypeptide(L)'
;MIQRTPKIQVYSRHPAENGKSNFLNCYVSGFHPSDIEVDLLKNGERIEKVEHSDLSFSKDWSFYLLYYTEFTPTEKDEYA
CRVNHVTLSQPKIVKWDRDM
;
B,E
3 'polypeptide(L)' ALAGIGILTV C,F
#
# COMPACT_ATOMS: atom_id res chain seq x y z
N GLY A 1 2.26 27.03 -6.86
CA GLY A 1 1.91 26.03 -5.79
C GLY A 1 0.64 26.40 -5.08
N SER A 2 -0.38 26.77 -5.85
CA SER A 2 -1.64 27.17 -5.30
C SER A 2 -2.51 25.97 -4.93
N HIS A 3 -3.46 26.20 -4.03
CA HIS A 3 -4.37 25.15 -3.56
C HIS A 3 -5.77 25.67 -3.44
N SER A 4 -6.72 24.76 -3.23
CA SER A 4 -8.07 25.15 -3.05
C SER A 4 -8.86 24.10 -2.32
N MET A 5 -9.99 24.55 -1.73
CA MET A 5 -10.96 23.66 -1.11
C MET A 5 -12.27 23.95 -1.81
N ARG A 6 -12.97 22.91 -2.26
CA ARG A 6 -14.20 23.08 -2.96
C ARG A 6 -15.24 22.05 -2.62
N TYR A 7 -16.46 22.51 -2.33
CA TYR A 7 -17.59 21.59 -2.07
C TYR A 7 -18.53 21.62 -3.26
N PHE A 8 -19.02 20.45 -3.64
CA PHE A 8 -19.88 20.28 -4.77
C PHE A 8 -21.15 19.60 -4.33
N PHE A 9 -22.29 20.19 -4.71
CA PHE A 9 -23.62 19.70 -4.30
C PHE A 9 -24.56 19.52 -5.52
N THR A 10 -25.17 18.34 -5.62
CA THR A 10 -26.10 18.05 -6.70
C THR A 10 -27.39 17.47 -6.13
N SER A 11 -28.51 18.04 -6.56
CA SER A 11 -29.85 17.57 -6.14
C SER A 11 -30.64 17.32 -7.36
N VAL A 12 -31.24 16.13 -7.46
CA VAL A 12 -32.04 15.77 -8.60
C VAL A 12 -33.40 15.25 -8.15
N SER A 13 -34.47 15.89 -8.58
CA SER A 13 -35.81 15.43 -8.20
C SER A 13 -36.21 14.21 -9.02
N ARG A 14 -37.04 13.37 -8.44
CA ARG A 14 -37.57 12.19 -9.11
C ARG A 14 -39.08 12.08 -8.86
N PRO A 15 -39.88 12.85 -9.61
CA PRO A 15 -41.33 12.85 -9.51
C PRO A 15 -41.95 11.48 -9.24
N GLY A 16 -42.85 11.43 -8.25
CA GLY A 16 -43.56 10.17 -7.89
C GLY A 16 -42.66 9.01 -7.49
N ARG A 17 -41.43 9.32 -7.06
CA ARG A 17 -40.47 8.27 -6.67
C ARG A 17 -39.79 8.61 -5.33
N GLY A 18 -40.43 9.46 -4.54
CA GLY A 18 -39.90 9.86 -3.25
C GLY A 18 -38.97 11.05 -3.28
N GLU A 19 -38.36 11.32 -2.12
CA GLU A 19 -37.42 12.43 -1.92
C GLU A 19 -36.43 12.62 -3.07
N PRO A 20 -35.97 13.85 -3.26
CA PRO A 20 -34.95 14.10 -4.24
C PRO A 20 -33.63 13.47 -3.79
N ARG A 21 -32.80 13.07 -4.73
CA ARG A 21 -31.49 12.53 -4.43
C ARG A 21 -30.53 13.70 -4.17
N PHE A 22 -29.71 13.57 -3.15
CA PHE A 22 -28.76 14.61 -2.82
C PHE A 22 -27.38 14.02 -2.65
N ILE A 23 -26.43 14.58 -3.37
CA ILE A 23 -25.05 14.12 -3.30
C ILE A 23 -24.14 15.29 -3.04
N ALA A 24 -23.34 15.18 -2.00
CA ALA A 24 -22.36 16.24 -1.66
C ALA A 24 -20.97 15.61 -1.64
N VAL A 25 -20.00 16.36 -2.14
CA VAL A 25 -18.61 15.93 -2.21
C VAL A 25 -17.67 17.12 -1.93
N GLY A 26 -16.53 16.83 -1.28
CA GLY A 26 -15.53 17.86 -0.94
C GLY A 26 -14.13 17.48 -1.43
N TYR A 27 -13.41 18.47 -1.93
CA TYR A 27 -12.11 18.28 -2.49
C TYR A 27 -11.08 19.28 -1.96
N VAL A 28 -9.87 18.81 -1.78
CA VAL A 28 -8.75 19.66 -1.50
C VAL A 28 -7.93 19.49 -2.73
N ASP A 29 -7.78 20.58 -3.48
CA ASP A 29 -7.08 20.52 -4.76
C ASP A 29 -7.80 19.46 -5.64
N ASP A 30 -7.10 18.39 -6.01
CA ASP A 30 -7.73 17.35 -6.89
C ASP A 30 -7.94 16.04 -6.13
N THR A 31 -7.94 16.13 -4.79
CA THR A 31 -8.11 14.96 -3.93
C THR A 31 -9.44 15.06 -3.16
N GLN A 32 -10.36 14.14 -3.43
CA GLN A 32 -11.63 14.13 -2.78
C GLN A 32 -11.43 13.62 -1.33
N PHE A 33 -12.12 14.24 -0.34
CA PHE A 33 -11.93 13.81 1.09
C PHE A 33 -13.20 13.46 1.91
N VAL A 34 -14.38 13.91 1.44
CA VAL A 34 -15.67 13.56 2.12
C VAL A 34 -16.80 13.43 1.10
N ARG A 35 -17.91 12.83 1.53
CA ARG A 35 -19.04 12.71 0.70
C ARG A 35 -20.27 12.52 1.55
N PHE A 36 -21.43 12.71 0.94
CA PHE A 36 -22.69 12.44 1.57
C PHE A 36 -23.62 12.04 0.50
N ASP A 37 -24.37 10.96 0.70
CA ASP A 37 -25.34 10.45 -0.34
C ASP A 37 -26.65 10.16 0.32
N SER A 38 -27.68 10.95 -0.01
CA SER A 38 -29.04 10.78 0.57
C SER A 38 -29.59 9.37 0.44
N ASP A 39 -29.12 8.60 -0.52
CA ASP A 39 -29.61 7.23 -0.70
C ASP A 39 -28.82 6.19 0.07
N ALA A 40 -27.73 6.59 0.70
CA ALA A 40 -26.93 5.66 1.48
C ALA A 40 -27.61 5.38 2.83
N ALA A 41 -27.34 4.21 3.40
CA ALA A 41 -27.92 3.81 4.68
C ALA A 41 -27.31 4.59 5.83
N SER A 42 -26.07 4.99 5.64
CA SER A 42 -25.30 5.72 6.63
C SER A 42 -25.99 7.03 7.14
N GLN A 43 -26.48 7.85 6.20
CA GLN A 43 -27.07 9.18 6.56
C GLN A 43 -26.04 10.03 7.29
N ARG A 44 -24.78 9.79 6.95
CA ARG A 44 -23.64 10.47 7.57
C ARG A 44 -22.69 11.01 6.53
N MET A 45 -21.96 12.05 6.89
CA MET A 45 -20.91 12.55 6.04
C MET A 45 -19.82 11.51 6.26
N GLU A 46 -19.19 11.03 5.18
CA GLU A 46 -18.15 9.94 5.30
C GLU A 46 -16.79 10.33 4.72
N PRO A 47 -15.72 9.75 5.26
CA PRO A 47 -14.37 10.03 4.77
C PRO A 47 -14.07 9.34 3.46
N ARG A 48 -13.37 10.06 2.55
CA ARG A 48 -12.96 9.52 1.25
C ARG A 48 -11.43 9.58 1.08
N ALA A 49 -10.73 10.01 2.12
CA ALA A 49 -9.27 10.08 2.12
C ALA A 49 -8.76 9.67 3.52
N PRO A 50 -7.64 8.95 3.56
CA PRO A 50 -7.13 8.46 4.84
C PRO A 50 -6.78 9.57 5.86
N TRP A 51 -6.24 10.71 5.38
CA TRP A 51 -5.86 11.84 6.29
C TRP A 51 -7.02 12.56 6.96
N ILE A 52 -8.24 12.34 6.48
CA ILE A 52 -9.42 12.96 7.10
C ILE A 52 -10.01 12.01 8.18
N GLU A 53 -9.69 10.72 8.09
CA GLU A 53 -10.21 9.75 9.02
C GLU A 53 -9.83 10.05 10.48
N GLN A 54 -8.69 10.71 10.69
CA GLN A 54 -8.22 11.08 12.06
C GLN A 54 -9.10 12.14 12.73
N GLU A 55 -9.96 12.81 11.98
CA GLU A 55 -10.86 13.78 12.59
C GLU A 55 -11.75 13.00 13.58
N GLY A 56 -11.98 13.58 14.74
CA GLY A 56 -12.80 12.90 15.79
C GLY A 56 -14.32 12.98 15.56
N PRO A 57 -15.09 12.34 16.46
CA PRO A 57 -16.56 12.33 16.34
C PRO A 57 -17.19 13.73 16.34
N GLU A 58 -16.51 14.72 16.93
CA GLU A 58 -17.03 16.13 16.95
C GLU A 58 -17.09 16.71 15.48
N TYR A 59 -16.06 16.39 14.68
CA TYR A 59 -16.02 16.84 13.28
C TYR A 59 -17.10 16.13 12.45
N TRP A 60 -17.16 14.80 12.55
CA TRP A 60 -18.12 14.01 11.79
C TRP A 60 -19.55 14.33 12.14
N ASP A 61 -19.84 14.50 13.44
CA ASP A 61 -21.18 14.87 13.88
C ASP A 61 -21.56 16.24 13.33
N GLY A 62 -20.61 17.16 13.39
CA GLY A 62 -20.85 18.53 12.90
C GLY A 62 -21.06 18.63 11.38
N GLU A 63 -20.25 17.89 10.63
CA GLU A 63 -20.36 17.91 9.20
C GLU A 63 -21.58 17.18 8.72
N THR A 64 -22.07 16.28 9.54
CA THR A 64 -23.26 15.51 9.21
C THR A 64 -24.47 16.39 9.39
N ARG A 65 -24.49 17.14 10.48
CA ARG A 65 -25.60 18.04 10.73
C ARG A 65 -25.68 19.09 9.65
N LYS A 66 -24.52 19.60 9.22
CA LYS A 66 -24.51 20.67 8.21
C LYS A 66 -24.84 20.19 6.83
N VAL A 67 -24.40 18.98 6.47
CA VAL A 67 -24.66 18.48 5.17
C VAL A 67 -26.15 18.10 5.02
N LYS A 68 -26.78 17.71 6.13
CA LYS A 68 -28.20 17.39 6.13
C LYS A 68 -29.01 18.68 5.94
N ALA A 69 -28.52 19.79 6.51
CA ALA A 69 -29.19 21.11 6.37
C ALA A 69 -29.07 21.60 4.92
N HIS A 70 -27.92 21.32 4.29
CA HIS A 70 -27.71 21.65 2.87
C HIS A 70 -28.69 20.85 2.03
N SER A 71 -28.83 19.57 2.38
CA SER A 71 -29.73 18.68 1.68
C SER A 71 -31.18 19.21 1.73
N GLN A 72 -31.63 19.55 2.94
CA GLN A 72 -32.99 20.08 3.12
C GLN A 72 -33.22 21.39 2.29
N THR A 73 -32.30 22.36 2.39
CA THR A 73 -32.47 23.64 1.63
C THR A 73 -32.64 23.37 0.11
N HIS A 74 -31.82 22.47 -0.44
CA HIS A 74 -31.94 22.12 -1.86
C HIS A 74 -33.28 21.43 -2.15
N ARG A 75 -33.82 20.71 -1.15
CA ARG A 75 -35.16 20.06 -1.26
C ARG A 75 -36.13 21.16 -1.64
N VAL A 76 -36.18 22.18 -0.79
CA VAL A 76 -37.03 23.34 -0.97
C VAL A 76 -36.74 24.04 -2.29
N ASP A 77 -35.46 24.31 -2.57
CA ASP A 77 -35.05 24.96 -3.81
C ASP A 77 -35.72 24.37 -5.03
N LEU A 78 -35.70 23.03 -5.11
CA LEU A 78 -36.29 22.35 -6.22
C LEU A 78 -37.71 22.78 -6.47
N GLY A 79 -38.54 22.75 -5.42
CA GLY A 79 -39.97 23.15 -5.53
C GLY A 79 -40.12 24.64 -5.86
N THR A 80 -39.30 25.47 -5.24
CA THR A 80 -39.37 26.92 -5.47
C THR A 80 -39.11 27.23 -6.94
N LEU A 81 -38.04 26.64 -7.48
CA LEU A 81 -37.65 26.85 -8.88
C LEU A 81 -38.73 26.37 -9.90
N ARG A 82 -39.35 25.20 -9.67
CA ARG A 82 -40.45 24.76 -10.58
C ARG A 82 -41.42 25.90 -10.69
N GLY A 83 -41.73 26.48 -9.53
CA GLY A 83 -42.66 27.58 -9.43
C GLY A 83 -42.21 28.82 -10.17
N TYR A 84 -40.95 29.26 -9.95
CA TYR A 84 -40.44 30.47 -10.66
C TYR A 84 -40.52 30.32 -12.18
N TYR A 85 -40.33 29.08 -12.66
CA TYR A 85 -40.34 28.81 -14.10
C TYR A 85 -41.60 28.11 -14.58
N ASN A 86 -42.60 28.03 -13.73
CA ASN A 86 -43.89 27.40 -14.08
C ASN A 86 -43.72 26.16 -14.99
N GLN A 87 -43.13 25.12 -14.45
CA GLN A 87 -42.90 23.91 -15.20
C GLN A 87 -43.64 22.74 -14.55
N SER A 88 -43.86 21.68 -15.31
CA SER A 88 -44.62 20.51 -14.83
C SER A 88 -44.13 19.93 -13.49
N GLU A 89 -45.05 19.26 -12.81
CA GLU A 89 -44.79 18.66 -11.53
C GLU A 89 -44.11 17.31 -11.72
N ALA A 90 -44.31 16.69 -12.88
CA ALA A 90 -43.79 15.33 -13.17
C ALA A 90 -42.39 15.24 -13.83
N GLY A 91 -41.76 16.37 -14.13
CA GLY A 91 -40.43 16.36 -14.79
C GLY A 91 -39.26 16.45 -13.83
N SER A 92 -38.25 15.61 -14.06
CA SER A 92 -37.05 15.63 -13.22
C SER A 92 -36.19 16.88 -13.49
N HIS A 93 -35.77 17.56 -12.42
CA HIS A 93 -34.93 18.76 -12.54
C HIS A 93 -33.68 18.68 -11.64
N THR A 94 -32.65 19.42 -12.03
CA THR A 94 -31.41 19.38 -11.32
C THR A 94 -30.98 20.74 -10.77
N VAL A 95 -30.50 20.75 -9.53
CA VAL A 95 -29.94 21.93 -8.95
C VAL A 95 -28.51 21.58 -8.51
N GLN A 96 -27.59 22.50 -8.78
CA GLN A 96 -26.22 22.34 -8.41
C GLN A 96 -25.72 23.58 -7.71
N ARG A 97 -24.79 23.36 -6.78
CA ARG A 97 -24.16 24.48 -6.04
C ARG A 97 -22.70 24.13 -5.78
N MET A 98 -21.86 25.13 -5.83
CA MET A 98 -20.45 24.96 -5.56
C MET A 98 -19.93 26.18 -4.90
N TYR A 99 -19.03 25.99 -3.92
CA TYR A 99 -18.37 27.09 -3.26
C TYR A 99 -17.04 26.65 -2.67
N GLY A 100 -16.18 27.59 -2.42
CA GLY A 100 -14.89 27.28 -1.89
C GLY A 100 -13.94 28.44 -1.98
N CYS A 101 -12.66 28.14 -1.73
CA CYS A 101 -11.66 29.12 -1.74
C CYS A 101 -10.33 28.63 -2.34
N ASP A 102 -9.57 29.58 -2.85
CA ASP A 102 -8.26 29.33 -3.39
C ASP A 102 -7.23 30.09 -2.55
N VAL A 103 -6.04 29.49 -2.41
CA VAL A 103 -4.88 30.15 -1.71
C VAL A 103 -3.63 29.98 -2.60
N GLY A 104 -2.68 30.91 -2.48
CA GLY A 104 -1.47 30.85 -3.27
C GLY A 104 -0.45 29.92 -2.67
N SER A 105 0.78 29.98 -3.17
CA SER A 105 1.88 29.14 -2.65
C SER A 105 2.15 29.48 -1.17
N ASP A 106 1.92 30.75 -0.82
CA ASP A 106 2.10 31.24 0.56
C ASP A 106 0.84 30.90 1.45
N TRP A 107 -0.12 30.19 0.86
CA TRP A 107 -1.36 29.80 1.56
C TRP A 107 -2.23 30.99 1.93
N ARG A 108 -1.97 32.14 1.33
CA ARG A 108 -2.80 33.32 1.59
C ARG A 108 -3.98 33.26 0.63
N PHE A 109 -5.10 33.81 1.07
CA PHE A 109 -6.34 33.85 0.28
C PHE A 109 -6.18 34.58 -1.08
N LEU A 110 -6.70 33.95 -2.16
CA LEU A 110 -6.66 34.55 -3.53
C LEU A 110 -8.06 34.95 -3.97
N ARG A 111 -8.99 34.01 -3.86
CA ARG A 111 -10.32 34.29 -4.23
C ARG A 111 -11.29 33.28 -3.64
N GLY A 112 -12.56 33.69 -3.61
CA GLY A 112 -13.61 32.86 -3.10
C GLY A 112 -14.74 32.79 -4.10
N TYR A 113 -15.54 31.75 -3.98
CA TYR A 113 -16.64 31.55 -4.88
C TYR A 113 -17.82 30.80 -4.26
N HIS A 114 -18.98 31.04 -4.84
CA HIS A 114 -20.22 30.43 -4.42
C HIS A 114 -21.20 30.66 -5.57
N GLN A 115 -21.42 29.60 -6.34
CA GLN A 115 -22.22 29.66 -7.53
C GLN A 115 -23.35 28.62 -7.49
N TYR A 116 -24.40 28.87 -8.29
CA TYR A 116 -25.58 28.02 -8.30
C TYR A 116 -26.15 27.89 -9.71
N ALA A 117 -26.46 26.65 -10.11
CA ALA A 117 -27.02 26.39 -11.43
C ALA A 117 -28.35 25.63 -11.33
N TYR A 118 -29.22 25.87 -12.31
CA TYR A 118 -30.50 25.17 -12.41
C TYR A 118 -30.53 24.48 -13.78
N ASP A 119 -30.74 23.17 -13.75
CA ASP A 119 -30.73 22.37 -14.95
C ASP A 119 -29.49 22.63 -15.87
N GLY A 120 -28.32 22.79 -15.24
CA GLY A 120 -27.06 22.95 -15.99
C GLY A 120 -26.75 24.34 -16.48
N LYS A 121 -27.60 25.31 -16.15
CA LYS A 121 -27.38 26.69 -16.57
C LYS A 121 -27.08 27.53 -15.37
N ASP A 122 -26.13 28.45 -15.51
CA ASP A 122 -25.84 29.39 -14.44
C ASP A 122 -27.17 30.00 -13.94
N TYR A 123 -27.34 30.07 -12.65
CA TYR A 123 -28.55 30.69 -12.06
C TYR A 123 -28.13 31.96 -11.33
N ILE A 124 -27.34 31.82 -10.27
CA ILE A 124 -26.83 32.97 -9.53
C ILE A 124 -25.42 32.65 -9.03
N ALA A 125 -24.58 33.68 -8.99
CA ALA A 125 -23.18 33.57 -8.60
C ALA A 125 -22.72 34.76 -7.80
N LEU A 126 -21.80 34.51 -6.89
CA LEU A 126 -21.25 35.57 -6.10
C LEU A 126 -20.09 36.12 -6.89
N LYS A 127 -20.00 37.44 -7.03
CA LYS A 127 -18.89 38.03 -7.80
C LYS A 127 -17.64 37.94 -6.98
N GLU A 128 -16.51 38.25 -7.60
CA GLU A 128 -15.21 38.15 -6.95
C GLU A 128 -15.01 39.12 -5.77
N ASP A 129 -15.64 40.30 -5.84
CA ASP A 129 -15.51 41.29 -4.75
C ASP A 129 -16.21 40.77 -3.47
N LEU A 130 -16.95 39.64 -3.62
CA LEU A 130 -17.64 38.98 -2.51
C LEU A 130 -18.69 39.88 -1.87
N ARG A 131 -19.24 40.80 -2.64
CA ARG A 131 -20.24 41.75 -2.15
C ARG A 131 -21.48 41.80 -3.07
N SER A 132 -21.29 41.48 -4.35
CA SER A 132 -22.39 41.56 -5.33
C SER A 132 -22.69 40.22 -5.97
N TRP A 133 -23.86 40.14 -6.61
CA TRP A 133 -24.31 38.90 -7.26
C TRP A 133 -24.61 39.09 -8.79
N THR A 134 -24.42 38.03 -9.54
CA THR A 134 -24.71 38.02 -10.91
C THR A 134 -25.94 37.18 -11.07
N ALA A 135 -26.97 37.77 -11.64
CA ALA A 135 -28.19 37.07 -11.88
C ALA A 135 -28.59 37.26 -13.33
N ALA A 136 -28.42 36.22 -14.14
CA ALA A 136 -28.75 36.29 -15.57
C ALA A 136 -30.13 35.73 -15.83
N ASP A 137 -31.13 36.25 -15.12
CA ASP A 137 -32.48 35.78 -15.28
C ASP A 137 -33.44 36.65 -14.46
N MET A 138 -34.72 36.62 -14.79
CA MET A 138 -35.69 37.40 -14.04
C MET A 138 -35.96 36.68 -12.72
N ALA A 139 -35.94 35.35 -12.75
CA ALA A 139 -36.14 34.52 -11.53
C ALA A 139 -34.90 34.63 -10.60
N ALA A 140 -33.72 34.57 -11.20
CA ALA A 140 -32.49 34.70 -10.46
C ALA A 140 -32.41 36.12 -9.78
N GLN A 141 -33.06 37.11 -10.38
CA GLN A 141 -33.09 38.45 -9.79
C GLN A 141 -33.96 38.44 -8.52
N THR A 142 -35.03 37.58 -8.50
CA THR A 142 -35.87 37.47 -7.30
C THR A 142 -35.04 36.85 -6.13
N THR A 143 -34.22 35.86 -6.44
CA THR A 143 -33.36 35.26 -5.45
C THR A 143 -32.31 36.24 -4.98
N LYS A 144 -31.80 37.05 -5.89
CA LYS A 144 -30.78 38.06 -5.60
C LYS A 144 -31.30 39.03 -4.57
N HIS A 145 -32.54 39.43 -4.71
CA HIS A 145 -33.12 40.38 -3.76
C HIS A 145 -33.29 39.77 -2.36
N LYS A 146 -33.76 38.53 -2.28
CA LYS A 146 -33.93 37.92 -0.95
C LYS A 146 -32.54 37.74 -0.27
N TRP A 147 -31.55 37.37 -1.06
CA TRP A 147 -30.21 37.14 -0.56
C TRP A 147 -29.56 38.46 -0.17
N GLU A 148 -29.97 39.54 -0.83
CA GLU A 148 -29.47 40.85 -0.48
C GLU A 148 -30.08 41.30 0.88
N ALA A 149 -31.39 41.11 1.05
CA ALA A 149 -32.07 41.51 2.30
C ALA A 149 -31.54 40.68 3.50
N ALA A 150 -31.16 39.44 3.24
CA ALA A 150 -30.65 38.55 4.28
C ALA A 150 -29.15 38.73 4.51
N HIS A 151 -28.52 39.60 3.70
CA HIS A 151 -27.04 39.87 3.79
C HIS A 151 -26.24 38.59 3.67
N VAL A 152 -26.69 37.71 2.77
CA VAL A 152 -26.05 36.43 2.56
C VAL A 152 -24.60 36.57 2.09
N ALA A 153 -24.32 37.55 1.24
CA ALA A 153 -22.94 37.78 0.73
C ALA A 153 -21.95 38.14 1.86
N GLU A 154 -22.41 38.89 2.86
CA GLU A 154 -21.55 39.24 3.98
C GLU A 154 -21.20 37.97 4.79
N GLN A 155 -22.18 37.10 4.98
CA GLN A 155 -21.97 35.86 5.73
C GLN A 155 -21.02 34.92 4.97
N LEU A 156 -21.23 34.81 3.66
CA LEU A 156 -20.36 33.95 2.82
C LEU A 156 -18.93 34.48 2.80
N ARG A 157 -18.80 35.80 2.86
CA ARG A 157 -17.49 36.45 2.83
C ARG A 157 -16.65 36.05 4.03
N ALA A 158 -17.27 36.02 5.21
CA ALA A 158 -16.59 35.67 6.43
C ALA A 158 -16.11 34.21 6.37
N TYR A 159 -16.92 33.35 5.78
CA TYR A 159 -16.56 31.94 5.63
C TYR A 159 -15.43 31.75 4.58
N LEU A 160 -15.67 32.23 3.37
CA LEU A 160 -14.73 32.06 2.25
C LEU A 160 -13.33 32.61 2.49
N GLU A 161 -13.23 33.80 3.10
CA GLU A 161 -11.92 34.44 3.36
C GLU A 161 -11.37 34.11 4.76
N GLY A 162 -12.20 33.51 5.61
CA GLY A 162 -11.78 33.14 6.98
C GLY A 162 -11.83 31.62 7.20
N THR A 163 -12.98 31.13 7.63
CA THR A 163 -13.19 29.72 7.94
C THR A 163 -12.66 28.79 6.82
N CYS A 164 -13.08 29.05 5.57
CA CYS A 164 -12.68 28.18 4.43
C CYS A 164 -11.13 28.05 4.32
N VAL A 165 -10.43 29.16 4.44
CA VAL A 165 -8.99 29.14 4.33
C VAL A 165 -8.37 28.49 5.54
N GLU A 166 -8.98 28.72 6.71
CA GLU A 166 -8.50 28.12 7.96
C GLU A 166 -8.54 26.57 7.89
N TRP A 167 -9.62 26.01 7.32
CA TRP A 167 -9.74 24.55 7.22
C TRP A 167 -8.81 23.96 6.12
N LEU A 168 -8.62 24.70 5.01
CA LEU A 168 -7.75 24.26 3.94
C LEU A 168 -6.30 24.12 4.48
N ARG A 169 -5.82 25.11 5.23
CA ARG A 169 -4.46 25.07 5.82
C ARG A 169 -4.31 23.89 6.76
N ARG A 170 -5.38 23.54 7.47
CA ARG A 170 -5.35 22.43 8.44
C ARG A 170 -5.33 21.12 7.71
N TYR A 171 -6.21 20.97 6.71
CA TYR A 171 -6.23 19.74 5.92
C TYR A 171 -4.85 19.57 5.17
N LEU A 172 -4.34 20.66 4.63
CA LEU A 172 -3.05 20.62 3.92
C LEU A 172 -1.92 20.08 4.81
N GLU A 173 -1.91 20.47 6.10
CA GLU A 173 -0.89 20.02 7.03
C GLU A 173 -1.17 18.56 7.52
N ASN A 174 -2.43 18.28 7.85
CA ASN A 174 -2.81 16.93 8.32
C ASN A 174 -2.54 15.86 7.25
N GLY A 175 -2.79 16.21 5.99
CA GLY A 175 -2.58 15.28 4.86
C GLY A 175 -1.41 15.69 3.99
N LYS A 176 -0.41 16.31 4.61
CA LYS A 176 0.76 16.81 3.89
C LYS A 176 1.39 15.79 2.96
N GLU A 177 1.50 14.55 3.42
CA GLU A 177 2.13 13.50 2.59
C GLU A 177 1.43 13.29 1.23
N THR A 178 0.12 13.48 1.21
CA THR A 178 -0.67 13.33 0.00
C THR A 178 -0.86 14.68 -0.69
N LEU A 179 -1.33 15.64 0.06
CA LEU A 179 -1.72 16.94 -0.49
C LEU A 179 -0.57 17.84 -0.91
N GLN A 180 0.57 17.74 -0.23
CA GLN A 180 1.74 18.59 -0.55
C GLN A 180 2.80 17.87 -1.37
N ARG A 181 2.41 16.79 -2.01
CA ARG A 181 3.34 16.05 -2.82
C ARG A 181 3.32 16.55 -4.26
N THR A 182 4.43 16.35 -4.93
CA THR A 182 4.57 16.72 -6.32
C THR A 182 5.10 15.50 -7.09
N ASP A 183 4.19 14.76 -7.73
CA ASP A 183 4.56 13.57 -8.52
C ASP A 183 4.72 13.98 -10.01
N ALA A 184 5.97 14.08 -10.47
CA ALA A 184 6.25 14.46 -11.87
C ALA A 184 5.80 13.33 -12.83
N PRO A 185 5.25 13.69 -14.00
CA PRO A 185 4.81 12.66 -14.93
C PRO A 185 5.92 11.75 -15.45
N LYS A 186 5.61 10.45 -15.53
CA LYS A 186 6.50 9.48 -16.13
C LYS A 186 6.12 9.55 -17.61
N THR A 187 7.07 9.85 -18.46
CA THR A 187 6.77 10.03 -19.88
C THR A 187 7.34 8.95 -20.82
N HIS A 188 6.67 8.73 -21.94
CA HIS A 188 7.15 7.83 -23.02
C HIS A 188 6.34 8.05 -24.27
N MET A 189 6.91 7.69 -25.43
CA MET A 189 6.24 7.79 -26.72
C MET A 189 5.97 6.39 -27.29
N THR A 190 4.87 6.24 -28.04
CA THR A 190 4.56 4.99 -28.76
C THR A 190 4.43 5.34 -30.24
N HIS A 191 4.81 4.41 -31.09
CA HIS A 191 4.75 4.60 -32.51
C HIS A 191 3.98 3.44 -33.15
N HIS A 192 3.00 3.76 -33.98
CA HIS A 192 2.22 2.73 -34.65
C HIS A 192 1.89 3.07 -36.12
N ALA A 193 2.21 2.14 -37.01
CA ALA A 193 1.92 2.31 -38.43
C ALA A 193 0.40 2.24 -38.63
N VAL A 194 -0.16 3.19 -39.38
CA VAL A 194 -1.61 3.15 -39.70
C VAL A 194 -1.81 2.76 -41.14
N SER A 195 -0.74 2.90 -41.92
CA SER A 195 -0.73 2.56 -43.31
C SER A 195 0.70 2.47 -43.74
N ASP A 196 0.92 2.34 -45.03
CA ASP A 196 2.24 2.27 -45.56
C ASP A 196 2.94 3.63 -45.55
N HIS A 197 2.16 4.72 -45.48
CA HIS A 197 2.72 6.07 -45.58
C HIS A 197 2.42 7.02 -44.41
N GLU A 198 1.81 6.49 -43.36
CA GLU A 198 1.51 7.29 -42.19
C GLU A 198 1.65 6.49 -40.92
N ALA A 199 2.07 7.17 -39.86
CA ALA A 199 2.23 6.52 -38.57
C ALA A 199 1.72 7.44 -37.41
N THR A 200 1.24 6.83 -36.36
CA THR A 200 0.74 7.54 -35.24
C THR A 200 1.81 7.68 -34.18
N LEU A 201 1.95 8.88 -33.66
CA LEU A 201 2.94 9.16 -32.65
C LEU A 201 2.17 9.69 -31.40
N ARG A 202 2.18 8.87 -30.33
CA ARG A 202 1.45 9.23 -29.07
C ARG A 202 2.36 9.48 -27.91
N CYS A 203 2.18 10.65 -27.29
CA CYS A 203 2.98 11.08 -26.18
C CYS A 203 2.19 10.93 -24.87
N TRP A 204 2.74 10.16 -23.96
CA TRP A 204 2.09 9.83 -22.69
C TRP A 204 2.67 10.52 -21.46
N ALA A 205 1.76 10.87 -20.55
CA ALA A 205 2.11 11.45 -19.24
C ALA A 205 1.34 10.61 -18.22
N LEU A 206 2.07 9.89 -17.38
CA LEU A 206 1.43 9.00 -16.39
C LEU A 206 1.88 9.22 -14.95
N SER A 207 0.95 8.89 -14.03
CA SER A 207 1.20 8.89 -12.59
C SER A 207 1.60 10.26 -12.03
N PHE A 208 0.94 11.33 -12.51
CA PHE A 208 1.27 12.66 -12.04
C PHE A 208 0.24 13.26 -11.08
N TYR A 209 0.70 14.17 -10.23
CA TYR A 209 -0.14 14.91 -9.30
C TYR A 209 0.60 16.22 -8.97
N PRO A 210 -0.13 17.37 -9.00
CA PRO A 210 -1.56 17.49 -9.28
C PRO A 210 -1.98 17.28 -10.75
N ALA A 211 -3.28 17.35 -10.99
CA ALA A 211 -3.85 17.11 -12.32
C ALA A 211 -3.43 18.15 -13.39
N GLU A 212 -3.15 19.39 -13.01
CA GLU A 212 -2.78 20.40 -13.99
C GLU A 212 -1.53 20.03 -14.75
N ILE A 213 -1.62 20.06 -16.07
CA ILE A 213 -0.51 19.72 -16.94
C ILE A 213 -0.76 20.30 -18.34
N THR A 214 0.33 20.62 -19.03
CA THR A 214 0.27 21.06 -20.44
C THR A 214 1.09 20.03 -21.26
N LEU A 215 0.45 19.47 -22.27
CA LEU A 215 1.06 18.44 -23.09
C LEU A 215 0.78 18.76 -24.56
N THR A 216 1.85 19.04 -25.32
CA THR A 216 1.68 19.45 -26.71
C THR A 216 2.66 18.81 -27.74
N TRP A 217 2.24 18.81 -29.01
CA TRP A 217 3.09 18.35 -30.12
C TRP A 217 3.44 19.54 -31.03
N GLN A 218 4.68 19.60 -31.47
CA GLN A 218 5.05 20.60 -32.44
C GLN A 218 5.86 19.99 -33.57
N ARG A 219 5.73 20.59 -34.76
CA ARG A 219 6.44 20.16 -35.91
C ARG A 219 7.47 21.23 -36.26
N ASP A 220 8.75 20.87 -36.23
CA ASP A 220 9.85 21.86 -36.46
C ASP A 220 9.75 22.98 -35.41
N GLY A 221 9.30 22.60 -34.21
CA GLY A 221 9.14 23.53 -33.10
C GLY A 221 7.95 24.47 -33.26
N GLU A 222 7.02 24.14 -34.18
CA GLU A 222 5.83 25.00 -34.43
C GLU A 222 4.54 24.35 -33.94
N ASP A 223 3.67 25.17 -33.44
CA ASP A 223 2.36 24.79 -32.93
C ASP A 223 1.60 23.81 -33.88
N GLN A 224 1.01 22.75 -33.32
CA GLN A 224 0.22 21.77 -34.14
C GLN A 224 -1.09 21.46 -33.44
N THR A 225 -1.69 22.47 -32.83
CA THR A 225 -2.93 22.28 -32.06
C THR A 225 -4.07 21.66 -32.91
N GLN A 226 -4.24 22.18 -34.11
CA GLN A 226 -5.28 21.71 -35.04
C GLN A 226 -5.15 20.25 -35.38
N ASP A 227 -3.92 19.77 -35.41
CA ASP A 227 -3.64 18.40 -35.83
C ASP A 227 -3.32 17.45 -34.70
N THR A 228 -3.54 17.90 -33.47
CA THR A 228 -3.25 17.11 -32.35
C THR A 228 -4.48 16.58 -31.71
N GLU A 229 -4.49 15.28 -31.47
CA GLU A 229 -5.57 14.66 -30.77
C GLU A 229 -5.10 14.68 -29.30
N LEU A 230 -5.82 15.39 -28.46
CA LEU A 230 -5.46 15.56 -27.05
C LEU A 230 -6.63 15.10 -26.17
N VAL A 231 -6.39 14.13 -25.30
CA VAL A 231 -7.47 13.63 -24.44
C VAL A 231 -7.53 14.42 -23.13
N GLU A 232 -8.72 14.60 -22.59
CA GLU A 232 -8.80 15.30 -21.32
C GLU A 232 -8.15 14.49 -20.18
N THR A 233 -7.45 15.20 -19.34
CA THR A 233 -6.78 14.62 -18.23
C THR A 233 -7.75 13.71 -17.50
N ARG A 234 -7.31 12.51 -17.16
CA ARG A 234 -8.16 11.53 -16.56
C ARG A 234 -7.54 10.91 -15.32
N PRO A 235 -8.38 10.49 -14.35
CA PRO A 235 -7.89 9.85 -13.09
C PRO A 235 -7.46 8.40 -13.26
N ALA A 236 -6.26 8.06 -12.74
CA ALA A 236 -5.78 6.69 -12.80
C ALA A 236 -6.59 5.85 -11.80
N GLY A 237 -7.09 6.49 -10.79
CA GLY A 237 -7.90 5.83 -9.77
C GLY A 237 -7.14 5.62 -8.48
N ASP A 238 -5.84 5.89 -8.51
CA ASP A 238 -4.98 5.72 -7.30
C ASP A 238 -4.53 7.10 -6.75
N GLY A 239 -5.23 8.15 -7.15
CA GLY A 239 -4.90 9.50 -6.70
C GLY A 239 -4.04 10.28 -7.70
N THR A 240 -3.49 9.57 -8.71
CA THR A 240 -2.67 10.23 -9.76
C THR A 240 -3.49 10.40 -11.02
N PHE A 241 -2.92 11.09 -12.02
CA PHE A 241 -3.64 11.35 -13.27
C PHE A 241 -2.84 10.96 -14.51
N GLN A 242 -3.54 10.91 -15.64
CA GLN A 242 -2.96 10.53 -16.88
C GLN A 242 -3.45 11.42 -17.98
N LYS A 243 -2.66 11.53 -19.04
CA LYS A 243 -3.07 12.26 -20.22
C LYS A 243 -2.20 11.82 -21.43
N TRP A 244 -2.76 11.86 -22.63
CA TRP A 244 -1.95 11.61 -23.81
C TRP A 244 -2.31 12.53 -24.97
N ALA A 245 -1.32 12.77 -25.83
CA ALA A 245 -1.49 13.61 -27.03
C ALA A 245 -0.92 12.83 -28.24
N ALA A 246 -1.62 12.86 -29.36
CA ALA A 246 -1.18 12.14 -30.53
C ALA A 246 -1.29 12.95 -31.83
N VAL A 247 -0.36 12.68 -32.76
CA VAL A 247 -0.37 13.27 -34.09
C VAL A 247 -0.12 12.16 -35.13
N VAL A 248 -0.66 12.33 -36.32
CA VAL A 248 -0.46 11.38 -37.42
C VAL A 248 0.60 11.98 -38.28
N VAL A 249 1.72 11.29 -38.43
CA VAL A 249 2.83 11.85 -39.20
C VAL A 249 3.14 11.04 -40.41
N PRO A 250 3.56 11.71 -41.50
CA PRO A 250 3.94 10.96 -42.68
C PRO A 250 5.21 10.16 -42.37
N SER A 251 5.25 8.88 -42.79
CA SER A 251 6.38 8.02 -42.48
C SER A 251 7.70 8.63 -42.97
N GLY A 252 8.70 8.63 -42.10
CA GLY A 252 9.99 9.22 -42.45
C GLY A 252 10.15 10.67 -41.93
N GLN A 253 9.06 11.25 -41.38
CA GLN A 253 9.13 12.62 -40.79
C GLN A 253 9.09 12.58 -39.25
N GLU A 254 9.24 11.39 -38.66
CA GLU A 254 9.20 11.27 -37.18
C GLU A 254 10.11 12.30 -36.47
N GLN A 255 11.31 12.48 -36.98
CA GLN A 255 12.29 13.38 -36.37
C GLN A 255 11.91 14.86 -36.41
N ARG A 256 10.86 15.22 -37.13
CA ARG A 256 10.44 16.62 -37.22
C ARG A 256 9.52 17.01 -36.05
N TYR A 257 9.02 15.99 -35.33
CA TYR A 257 8.08 16.22 -34.24
C TYR A 257 8.67 16.11 -32.81
N THR A 258 8.18 17.00 -31.92
CA THR A 258 8.59 17.03 -30.52
C THR A 258 7.40 17.16 -29.60
N CYS A 259 7.34 16.28 -28.59
CA CYS A 259 6.29 16.35 -27.58
C CYS A 259 6.85 17.18 -26.41
N HIS A 260 6.09 18.18 -25.98
CA HIS A 260 6.49 19.04 -24.88
C HIS A 260 5.58 18.81 -23.70
N VAL A 261 6.20 18.71 -22.51
CA VAL A 261 5.46 18.42 -21.25
C VAL A 261 5.86 19.45 -20.13
N GLN A 262 4.85 20.12 -19.59
CA GLN A 262 5.04 21.09 -18.50
C GLN A 262 4.17 20.67 -17.34
N HIS A 263 4.77 20.60 -16.15
CA HIS A 263 4.07 20.20 -14.92
C HIS A 263 4.85 20.70 -13.74
N GLU A 264 4.14 21.06 -12.66
CA GLU A 264 4.81 21.61 -11.45
C GLU A 264 5.94 20.68 -10.94
N GLY A 265 5.71 19.37 -11.05
CA GLY A 265 6.69 18.36 -10.59
C GLY A 265 8.03 18.35 -11.35
N LEU A 266 8.06 18.96 -12.54
CA LEU A 266 9.28 18.99 -13.37
C LEU A 266 10.08 20.25 -13.15
N PRO A 267 11.37 20.11 -12.84
CA PRO A 267 12.21 21.27 -12.68
C PRO A 267 12.21 22.09 -13.96
N LYS A 268 12.41 21.42 -15.09
CA LYS A 268 12.41 22.06 -16.41
C LYS A 268 11.40 21.33 -17.30
N PRO A 269 10.63 22.08 -18.09
CA PRO A 269 9.72 21.37 -18.97
C PRO A 269 10.48 20.36 -19.85
N LEU A 270 9.81 19.26 -20.17
CA LEU A 270 10.42 18.20 -20.96
C LEU A 270 10.13 18.30 -22.44
N THR A 271 11.14 17.96 -23.25
CA THR A 271 10.99 17.90 -24.70
C THR A 271 11.44 16.53 -25.19
N LEU A 272 10.51 15.78 -25.84
CA LEU A 272 10.80 14.46 -26.32
C LEU A 272 10.70 14.43 -27.85
N ARG A 273 11.46 13.52 -28.46
CA ARG A 273 11.51 13.35 -29.94
C ARG A 273 11.74 11.87 -30.25
N TRP A 274 10.92 11.29 -31.12
CA TRP A 274 11.10 9.87 -31.53
C TRP A 274 12.42 9.82 -32.31
N GLU A 275 13.34 9.00 -31.88
CA GLU A 275 14.67 9.02 -32.44
C GLU A 275 15.38 7.69 -32.22
N MET B 1 -33.62 23.20 -21.57
CA MET B 1 -33.37 21.82 -21.09
C MET B 1 -32.08 21.27 -21.67
N ILE B 2 -30.98 21.67 -21.04
CA ILE B 2 -29.68 21.31 -21.45
C ILE B 2 -29.43 19.81 -21.44
N GLN B 3 -28.81 19.34 -22.50
CA GLN B 3 -28.38 17.94 -22.60
C GLN B 3 -27.01 17.92 -23.27
N ARG B 4 -26.03 17.40 -22.56
CA ARG B 4 -24.68 17.30 -23.04
C ARG B 4 -24.22 15.83 -23.05
N THR B 5 -23.65 15.42 -24.16
CA THR B 5 -23.21 14.01 -24.38
C THR B 5 -21.93 13.72 -23.65
N PRO B 6 -21.81 12.51 -23.06
CA PRO B 6 -20.62 12.18 -22.31
C PRO B 6 -19.44 11.81 -23.16
N LYS B 7 -18.27 12.26 -22.77
CA LYS B 7 -17.07 11.85 -23.39
C LYS B 7 -16.75 10.56 -22.66
N ILE B 8 -16.13 9.62 -23.36
CA ILE B 8 -15.83 8.29 -22.80
C ILE B 8 -14.40 7.88 -23.08
N GLN B 9 -13.69 7.44 -22.04
CA GLN B 9 -12.35 6.90 -22.21
C GLN B 9 -12.28 5.58 -21.45
N VAL B 10 -11.78 4.55 -22.11
CA VAL B 10 -11.61 3.24 -21.47
C VAL B 10 -10.12 2.97 -21.41
N TYR B 11 -9.61 2.61 -20.23
CA TYR B 11 -8.17 2.46 -20.04
C TYR B 11 -7.77 1.77 -18.74
N SER B 12 -6.52 1.30 -18.66
CA SER B 12 -6.04 0.66 -17.42
C SER B 12 -5.30 1.66 -16.54
N ARG B 13 -5.33 1.41 -15.24
CA ARG B 13 -4.67 2.24 -14.26
C ARG B 13 -3.17 2.23 -14.50
N HIS B 14 -2.62 1.04 -14.71
CA HIS B 14 -1.15 0.86 -14.99
C HIS B 14 -0.95 0.32 -16.42
N PRO B 15 0.30 0.39 -16.93
CA PRO B 15 0.52 -0.16 -18.25
C PRO B 15 0.05 -1.62 -18.28
N ALA B 16 -0.58 -2.03 -19.37
CA ALA B 16 -1.09 -3.38 -19.48
C ALA B 16 0.03 -4.36 -19.66
N GLU B 17 0.07 -5.35 -18.78
CA GLU B 17 1.07 -6.40 -18.83
C GLU B 17 0.33 -7.71 -18.57
N ASN B 18 0.34 -8.60 -19.56
CA ASN B 18 -0.39 -9.88 -19.45
C ASN B 18 -0.06 -10.69 -18.21
N GLY B 19 -1.11 -11.13 -17.49
CA GLY B 19 -0.96 -11.95 -16.28
C GLY B 19 -0.73 -11.15 -15.01
N LYS B 20 -0.67 -9.84 -15.13
CA LYS B 20 -0.44 -9.00 -13.97
C LYS B 20 -1.71 -8.21 -13.62
N SER B 21 -2.06 -8.22 -12.33
CA SER B 21 -3.29 -7.55 -11.79
C SER B 21 -3.26 -6.04 -12.04
N ASN B 22 -4.44 -5.48 -12.34
CA ASN B 22 -4.54 -4.07 -12.72
C ASN B 22 -6.00 -3.59 -12.44
N PHE B 23 -6.32 -2.37 -12.90
CA PHE B 23 -7.70 -1.84 -12.81
C PHE B 23 -8.10 -1.33 -14.17
N LEU B 24 -9.30 -1.74 -14.61
CA LEU B 24 -9.88 -1.26 -15.84
C LEU B 24 -10.83 -0.11 -15.48
N ASN B 25 -10.66 1.03 -16.15
CA ASN B 25 -11.43 2.24 -15.88
C ASN B 25 -12.29 2.70 -17.04
N CYS B 26 -13.42 3.29 -16.73
CA CYS B 26 -14.24 3.93 -17.72
C CYS B 26 -14.59 5.27 -17.16
N TYR B 27 -13.98 6.31 -17.70
CA TYR B 27 -14.17 7.64 -17.24
C TYR B 27 -15.13 8.38 -18.17
N VAL B 28 -16.31 8.78 -17.63
CA VAL B 28 -17.33 9.49 -18.38
C VAL B 28 -17.39 10.93 -17.88
N SER B 29 -17.41 11.87 -18.78
CA SER B 29 -17.37 13.26 -18.37
C SER B 29 -18.10 14.14 -19.32
N GLY B 30 -18.25 15.39 -18.92
CA GLY B 30 -18.91 16.40 -19.76
C GLY B 30 -20.37 16.14 -20.08
N PHE B 31 -21.07 15.37 -19.25
CA PHE B 31 -22.49 15.05 -19.55
C PHE B 31 -23.53 15.76 -18.63
N HIS B 32 -24.77 15.83 -19.11
CA HIS B 32 -25.86 16.42 -18.36
C HIS B 32 -27.19 16.00 -19.04
N PRO B 33 -28.18 15.59 -18.26
CA PRO B 33 -28.25 15.46 -16.80
C PRO B 33 -27.38 14.32 -16.22
N SER B 34 -27.42 14.14 -14.90
CA SER B 34 -26.58 13.17 -14.24
C SER B 34 -26.95 11.68 -14.49
N ASP B 35 -28.22 11.40 -14.80
CA ASP B 35 -28.66 9.99 -15.12
C ASP B 35 -27.81 9.43 -16.19
N ILE B 36 -27.16 8.32 -15.90
CA ILE B 36 -26.32 7.69 -16.88
C ILE B 36 -26.11 6.19 -16.53
N GLU B 37 -25.97 5.36 -17.57
CA GLU B 37 -25.71 3.93 -17.37
C GLU B 37 -24.33 3.61 -17.92
N VAL B 38 -23.50 3.01 -17.09
CA VAL B 38 -22.16 2.68 -17.48
C VAL B 38 -21.83 1.23 -17.08
N ASP B 39 -21.49 0.39 -18.06
CA ASP B 39 -21.09 -1.03 -17.81
C ASP B 39 -19.71 -1.35 -18.42
N LEU B 40 -18.97 -2.25 -17.76
CA LEU B 40 -17.68 -2.72 -18.27
C LEU B 40 -17.90 -4.16 -18.76
N LEU B 41 -17.39 -4.46 -19.95
CA LEU B 41 -17.60 -5.74 -20.56
C LEU B 41 -16.31 -6.51 -20.73
N LYS B 42 -16.40 -7.84 -20.58
CA LYS B 42 -15.29 -8.73 -20.80
C LYS B 42 -15.77 -9.76 -21.79
N ASN B 43 -15.23 -9.68 -23.02
CA ASN B 43 -15.64 -10.59 -24.10
C ASN B 43 -17.15 -10.53 -24.32
N GLY B 44 -17.68 -9.31 -24.25
CA GLY B 44 -19.15 -9.07 -24.46
C GLY B 44 -20.06 -9.29 -23.23
N GLU B 45 -19.47 -9.69 -22.09
CA GLU B 45 -20.26 -9.97 -20.85
C GLU B 45 -20.14 -8.85 -19.88
N ARG B 46 -21.28 -8.38 -19.39
CA ARG B 46 -21.30 -7.26 -18.43
C ARG B 46 -20.57 -7.67 -17.10
N ILE B 47 -19.55 -6.93 -16.71
CA ILE B 47 -18.79 -7.27 -15.49
C ILE B 47 -19.53 -6.82 -14.23
N GLU B 48 -19.62 -7.72 -13.27
CA GLU B 48 -20.25 -7.43 -11.98
C GLU B 48 -19.18 -6.82 -11.08
N LYS B 49 -19.59 -6.27 -9.98
CA LYS B 49 -18.63 -5.63 -9.04
C LYS B 49 -17.79 -4.57 -9.74
N VAL B 50 -18.48 -3.66 -10.38
CA VAL B 50 -17.84 -2.53 -10.95
C VAL B 50 -18.25 -1.41 -10.03
N GLU B 51 -17.29 -0.67 -9.53
CA GLU B 51 -17.54 0.45 -8.64
C GLU B 51 -17.35 1.78 -9.34
N HIS B 52 -17.85 2.85 -8.73
CA HIS B 52 -17.71 4.16 -9.31
C HIS B 52 -17.57 5.24 -8.24
N SER B 53 -16.92 6.33 -8.64
CA SER B 53 -16.70 7.46 -7.79
C SER B 53 -18.02 8.20 -7.47
N ASP B 54 -17.93 9.09 -6.50
CA ASP B 54 -19.04 9.90 -6.10
C ASP B 54 -19.26 10.95 -7.12
N LEU B 55 -20.53 11.21 -7.42
CA LEU B 55 -20.90 12.17 -8.42
C LEU B 55 -20.35 13.58 -8.15
N SER B 56 -19.64 14.15 -9.15
CA SER B 56 -19.12 15.55 -9.02
C SER B 56 -19.24 16.24 -10.39
N PHE B 57 -18.89 17.50 -10.45
CA PHE B 57 -19.01 18.25 -11.70
C PHE B 57 -17.91 19.23 -11.94
N SER B 58 -17.78 19.65 -13.21
CA SER B 58 -16.75 20.55 -13.64
C SER B 58 -17.17 22.02 -13.51
N LYS B 59 -16.26 22.92 -13.82
CA LYS B 59 -16.53 24.36 -13.71
C LYS B 59 -17.75 24.80 -14.59
N ASP B 60 -18.01 24.05 -15.68
CA ASP B 60 -19.15 24.37 -16.57
C ASP B 60 -20.45 23.62 -16.17
N TRP B 61 -20.43 23.02 -14.96
CA TRP B 61 -21.59 22.29 -14.39
C TRP B 61 -21.79 20.86 -14.96
N SER B 62 -20.98 20.46 -15.92
CA SER B 62 -21.12 19.10 -16.53
C SER B 62 -20.57 18.05 -15.57
N PHE B 63 -21.19 16.86 -15.56
CA PHE B 63 -20.81 15.81 -14.62
C PHE B 63 -19.69 14.92 -15.05
N TYR B 64 -19.07 14.28 -14.07
CA TYR B 64 -17.99 13.30 -14.35
C TYR B 64 -18.00 12.21 -13.33
N LEU B 65 -17.76 10.98 -13.81
CA LEU B 65 -17.74 9.81 -12.95
C LEU B 65 -16.70 8.82 -13.45
N LEU B 66 -16.09 8.12 -12.53
CA LEU B 66 -15.17 7.08 -12.87
C LEU B 66 -15.75 5.72 -12.44
N TYR B 67 -15.88 4.79 -13.38
CA TYR B 67 -16.27 3.41 -13.09
C TYR B 67 -15.01 2.57 -13.17
N TYR B 68 -14.88 1.58 -12.30
CA TYR B 68 -13.65 0.83 -12.28
C TYR B 68 -13.80 -0.56 -11.72
N THR B 69 -12.96 -1.48 -12.22
CA THR B 69 -12.96 -2.87 -11.74
C THR B 69 -11.53 -3.44 -11.82
N GLU B 70 -11.18 -4.30 -10.88
CA GLU B 70 -9.87 -4.88 -10.91
C GLU B 70 -9.87 -5.97 -11.95
N PHE B 71 -8.82 -6.05 -12.76
CA PHE B 71 -8.72 -7.11 -13.77
C PHE B 71 -7.28 -7.53 -14.02
N THR B 72 -7.16 -8.72 -14.62
CA THR B 72 -5.88 -9.25 -15.03
C THR B 72 -5.92 -9.44 -16.55
N PRO B 73 -5.39 -8.46 -17.30
CA PRO B 73 -5.41 -8.58 -18.77
C PRO B 73 -4.61 -9.79 -19.31
N THR B 74 -5.07 -10.35 -20.43
CA THR B 74 -4.40 -11.47 -21.09
C THR B 74 -4.30 -11.12 -22.57
N GLU B 75 -3.70 -12.01 -23.36
CA GLU B 75 -3.53 -11.77 -24.79
C GLU B 75 -4.86 -11.73 -25.55
N LYS B 76 -5.76 -12.66 -25.24
CA LYS B 76 -7.00 -12.80 -26.03
C LYS B 76 -8.25 -12.20 -25.47
N ASP B 77 -8.21 -11.71 -24.23
CA ASP B 77 -9.41 -11.16 -23.61
C ASP B 77 -9.69 -9.69 -24.07
N GLU B 78 -10.89 -9.46 -24.62
CA GLU B 78 -11.30 -8.11 -25.07
C GLU B 78 -12.16 -7.44 -24.00
N TYR B 79 -11.91 -6.16 -23.77
CA TYR B 79 -12.66 -5.36 -22.80
C TYR B 79 -13.27 -4.10 -23.47
N ALA B 80 -14.38 -3.63 -22.94
CA ALA B 80 -15.08 -2.44 -23.47
C ALA B 80 -15.95 -1.83 -22.43
N CYS B 81 -16.27 -0.54 -22.63
CA CYS B 81 -17.16 0.19 -21.78
C CYS B 81 -18.42 0.52 -22.61
N ARG B 82 -19.62 0.22 -22.07
CA ARG B 82 -20.90 0.54 -22.73
C ARG B 82 -21.60 1.64 -21.92
N VAL B 83 -21.99 2.72 -22.59
CA VAL B 83 -22.60 3.87 -21.93
C VAL B 83 -23.94 4.22 -22.57
N ASN B 84 -24.96 4.45 -21.74
CA ASN B 84 -26.25 4.90 -22.26
C ASN B 84 -26.65 6.19 -21.52
N HIS B 85 -27.17 7.12 -22.26
CA HIS B 85 -27.52 8.43 -21.73
C HIS B 85 -28.61 8.93 -22.64
N VAL B 86 -29.34 9.94 -22.20
CA VAL B 86 -30.46 10.48 -22.98
C VAL B 86 -30.02 11.10 -24.32
N THR B 87 -28.72 11.46 -24.44
CA THR B 87 -28.19 12.10 -25.68
C THR B 87 -27.77 11.07 -26.76
N LEU B 88 -27.74 9.80 -26.39
CA LEU B 88 -27.37 8.75 -27.28
C LEU B 88 -28.63 7.97 -27.75
N SER B 89 -28.85 7.94 -29.06
CA SER B 89 -29.96 7.20 -29.62
C SER B 89 -29.69 5.70 -29.49
N GLN B 90 -28.44 5.37 -29.21
CA GLN B 90 -28.03 4.00 -29.05
C GLN B 90 -26.89 3.93 -28.02
N PRO B 91 -26.90 2.89 -27.16
CA PRO B 91 -25.82 2.80 -26.18
C PRO B 91 -24.49 2.75 -26.92
N LYS B 92 -23.52 3.55 -26.48
CA LYS B 92 -22.24 3.61 -27.14
C LYS B 92 -21.25 2.68 -26.50
N ILE B 93 -20.58 1.90 -27.33
CA ILE B 93 -19.60 0.97 -26.87
C ILE B 93 -18.23 1.43 -27.30
N VAL B 94 -17.33 1.54 -26.35
CA VAL B 94 -15.94 1.92 -26.64
C VAL B 94 -15.04 0.77 -26.23
N LYS B 95 -14.28 0.22 -27.17
CA LYS B 95 -13.43 -0.95 -26.89
C LYS B 95 -12.08 -0.50 -26.26
N TRP B 96 -11.57 -1.33 -25.36
CA TRP B 96 -10.32 -1.07 -24.70
C TRP B 96 -9.17 -1.38 -25.59
N ASP B 97 -8.32 -0.37 -25.82
CA ASP B 97 -7.11 -0.51 -26.62
C ASP B 97 -5.96 -0.16 -25.68
N ARG B 98 -5.11 -1.11 -25.37
CA ARG B 98 -4.03 -0.86 -24.40
C ARG B 98 -3.04 0.32 -24.77
N ASP B 99 -3.16 0.85 -26.00
CA ASP B 99 -2.29 2.00 -26.44
C ASP B 99 -3.11 3.32 -26.37
N MET B 100 -4.22 3.31 -25.64
CA MET B 100 -5.10 4.49 -25.53
C MET B 100 -5.68 4.65 -24.12
N ALA C 1 -14.14 22.05 6.15
CA ALA C 1 -15.50 21.95 6.74
C ALA C 1 -16.51 22.79 5.98
N LEU C 2 -17.76 22.36 6.03
CA LEU C 2 -18.87 23.03 5.36
C LEU C 2 -19.16 24.40 5.94
N ALA C 3 -19.77 25.25 5.14
CA ALA C 3 -20.20 26.57 5.61
C ALA C 3 -21.43 26.33 6.51
N GLY C 4 -21.57 27.14 7.56
CA GLY C 4 -22.66 26.98 8.48
C GLY C 4 -23.73 28.03 8.35
N ILE C 5 -23.42 29.09 7.61
CA ILE C 5 -24.37 30.22 7.41
C ILE C 5 -24.24 30.76 6.00
N GLY C 6 -25.34 31.23 5.46
CA GLY C 6 -25.32 31.81 4.12
C GLY C 6 -25.97 30.91 3.10
N ILE C 7 -26.16 29.65 3.45
CA ILE C 7 -26.81 28.70 2.57
C ILE C 7 -28.33 28.87 2.77
N LEU C 8 -28.90 29.86 2.10
CA LEU C 8 -30.36 30.11 2.18
C LEU C 8 -31.00 29.58 0.99
N THR C 9 -32.26 29.20 1.12
CA THR C 9 -33.02 28.72 0.01
C THR C 9 -33.11 29.81 -1.05
N VAL C 10 -33.21 29.41 -2.30
CA VAL C 10 -33.32 30.38 -3.41
C VAL C 10 -34.68 31.09 -3.37
N GLY D 1 2.61 -31.75 2.00
CA GLY D 1 2.68 -30.42 1.33
C GLY D 1 1.96 -29.33 2.14
N SER D 2 2.24 -29.28 3.44
CA SER D 2 1.66 -28.29 4.36
C SER D 2 2.43 -26.94 4.22
N HIS D 3 1.72 -25.81 4.32
CA HIS D 3 2.37 -24.49 4.12
C HIS D 3 1.83 -23.36 4.98
N SER D 4 2.59 -22.26 5.02
CA SER D 4 2.19 -21.10 5.79
C SER D 4 2.65 -19.80 5.15
N MET D 5 1.97 -18.70 5.50
CA MET D 5 2.36 -17.34 5.11
C MET D 5 2.32 -16.55 6.37
N ARG D 6 3.34 -15.75 6.61
CA ARG D 6 3.46 -14.99 7.84
C ARG D 6 4.10 -13.68 7.62
N TYR D 7 3.62 -12.67 8.36
CA TYR D 7 4.15 -11.35 8.32
C TYR D 7 4.66 -11.00 9.71
N PHE D 8 5.85 -10.40 9.78
CA PHE D 8 6.46 -10.00 11.04
C PHE D 8 6.67 -8.48 11.05
N PHE D 9 6.26 -7.84 12.14
CA PHE D 9 6.37 -6.37 12.27
C PHE D 9 7.03 -5.99 13.56
N THR D 10 8.06 -5.16 13.46
CA THR D 10 8.80 -4.66 14.60
C THR D 10 8.85 -3.12 14.57
N SER D 11 8.46 -2.50 15.71
CA SER D 11 8.47 -1.04 15.87
C SER D 11 9.33 -0.71 17.09
N VAL D 12 10.30 0.19 16.93
CA VAL D 12 11.18 0.57 18.03
C VAL D 12 11.28 2.09 18.17
N SER D 13 10.81 2.60 19.30
CA SER D 13 10.86 4.06 19.56
C SER D 13 12.26 4.54 19.82
N ARG D 14 12.60 5.71 19.27
CA ARG D 14 13.89 6.29 19.46
C ARG D 14 13.77 7.75 19.98
N PRO D 15 13.39 7.91 21.25
CA PRO D 15 13.23 9.19 21.91
C PRO D 15 14.45 10.09 21.73
N GLY D 16 14.29 11.20 21.03
CA GLY D 16 15.39 12.14 20.82
C GLY D 16 16.13 11.91 19.50
N ARG D 17 15.73 10.87 18.76
CA ARG D 17 16.37 10.57 17.48
C ARG D 17 15.37 10.37 16.33
N GLY D 18 14.25 11.12 16.36
CA GLY D 18 13.23 11.05 15.28
C GLY D 18 12.14 10.00 15.44
N GLU D 19 11.52 9.65 14.33
CA GLU D 19 10.44 8.67 14.30
C GLU D 19 10.95 7.30 14.67
N PRO D 20 10.05 6.45 15.17
CA PRO D 20 10.38 5.07 15.48
C PRO D 20 10.82 4.27 14.25
N ARG D 21 11.67 3.26 14.46
CA ARG D 21 12.10 2.38 13.36
C ARG D 21 11.07 1.36 13.13
N PHE D 22 10.67 1.18 11.90
CA PHE D 22 9.68 0.19 11.57
C PHE D 22 10.23 -0.77 10.52
N ILE D 23 10.10 -2.05 10.78
CA ILE D 23 10.55 -3.05 9.87
C ILE D 23 9.52 -4.13 9.74
N ALA D 24 9.12 -4.40 8.48
CA ALA D 24 8.18 -5.48 8.16
C ALA D 24 8.85 -6.48 7.21
N VAL D 25 8.56 -7.76 7.42
CA VAL D 25 9.03 -8.84 6.54
C VAL D 25 7.95 -9.90 6.38
N GLY D 26 7.87 -10.48 5.20
CA GLY D 26 6.93 -11.52 4.94
C GLY D 26 7.62 -12.78 4.46
N TYR D 27 7.07 -13.93 4.85
CA TYR D 27 7.61 -15.24 4.47
C TYR D 27 6.55 -16.18 3.96
N VAL D 28 6.98 -17.16 3.15
CA VAL D 28 6.16 -18.28 2.77
C VAL D 28 6.98 -19.46 3.21
N ASP D 29 6.49 -20.21 4.20
CA ASP D 29 7.24 -21.27 4.77
C ASP D 29 8.54 -20.62 5.26
N ASP D 30 9.71 -21.14 4.90
CA ASP D 30 10.99 -20.52 5.39
C ASP D 30 11.70 -19.65 4.31
N THR D 31 10.95 -19.15 3.35
CA THR D 31 11.50 -18.30 2.31
C THR D 31 10.92 -16.84 2.48
N GLN D 32 11.80 -15.87 2.69
CA GLN D 32 11.37 -14.46 2.80
C GLN D 32 11.04 -13.96 1.39
N PHE D 33 9.98 -13.19 1.22
CA PHE D 33 9.64 -12.69 -0.08
C PHE D 33 9.46 -11.17 -0.16
N VAL D 34 9.16 -10.50 0.97
CA VAL D 34 9.02 -9.01 0.97
C VAL D 34 9.60 -8.36 2.25
N ARG D 35 9.87 -7.07 2.16
CA ARG D 35 10.34 -6.30 3.30
C ARG D 35 10.02 -4.81 3.15
N PHE D 36 10.02 -4.13 4.29
CA PHE D 36 9.85 -2.70 4.36
C PHE D 36 10.66 -2.21 5.52
N ASP D 37 11.49 -1.22 5.28
CA ASP D 37 12.29 -0.64 6.31
C ASP D 37 12.07 0.86 6.28
N SER D 38 11.58 1.40 7.39
CA SER D 38 11.29 2.85 7.50
C SER D 38 12.51 3.75 7.30
N ASP D 39 13.69 3.23 7.57
CA ASP D 39 14.91 3.99 7.42
C ASP D 39 15.47 3.92 5.99
N ALA D 40 14.98 2.95 5.19
CA ALA D 40 15.48 2.78 3.78
C ALA D 40 15.04 3.94 2.90
N ALA D 41 15.79 4.18 1.81
CA ALA D 41 15.50 5.28 0.88
C ALA D 41 14.23 5.09 0.04
N SER D 42 14.00 3.89 -0.48
CA SER D 42 12.83 3.64 -1.36
C SER D 42 11.51 4.06 -0.73
N GLN D 43 11.29 3.63 0.52
CA GLN D 43 10.00 3.87 1.22
C GLN D 43 8.93 3.05 0.53
N ARG D 44 9.32 1.85 0.11
CA ARG D 44 8.41 0.94 -0.64
C ARG D 44 8.54 -0.44 -0.15
N MET D 45 7.49 -1.21 -0.33
CA MET D 45 7.57 -2.60 -0.03
C MET D 45 8.51 -3.10 -1.11
N GLU D 46 9.42 -4.01 -0.77
CA GLU D 46 10.40 -4.48 -1.77
C GLU D 46 10.49 -5.98 -1.84
N PRO D 47 10.83 -6.51 -3.02
CA PRO D 47 10.94 -7.98 -3.20
C PRO D 47 12.25 -8.54 -2.68
N ARG D 48 12.18 -9.75 -2.13
CA ARG D 48 13.36 -10.46 -1.62
C ARG D 48 13.37 -11.89 -2.16
N ALA D 49 12.55 -12.15 -3.17
CA ALA D 49 12.49 -13.46 -3.81
C ALA D 49 12.18 -13.24 -5.29
N PRO D 50 12.70 -14.13 -6.16
CA PRO D 50 12.48 -13.99 -7.59
C PRO D 50 11.02 -14.05 -8.02
N TRP D 51 10.27 -15.01 -7.47
CA TRP D 51 8.87 -15.23 -7.89
C TRP D 51 7.90 -14.11 -7.53
N ILE D 52 8.28 -13.25 -6.61
CA ILE D 52 7.44 -12.15 -6.25
C ILE D 52 7.73 -10.93 -7.20
N GLU D 53 8.95 -10.88 -7.77
CA GLU D 53 9.29 -9.79 -8.70
C GLU D 53 8.32 -9.74 -9.89
N GLN D 54 7.69 -10.88 -10.19
CA GLN D 54 6.72 -10.99 -11.27
C GLN D 54 5.49 -10.07 -11.09
N GLU D 55 5.07 -9.86 -9.84
CA GLU D 55 3.88 -9.02 -9.53
C GLU D 55 4.00 -7.59 -10.12
N GLY D 56 2.95 -7.12 -10.77
CA GLY D 56 2.95 -5.76 -11.41
C GLY D 56 3.00 -4.60 -10.41
N PRO D 57 3.13 -3.35 -10.91
CA PRO D 57 3.18 -2.17 -10.01
C PRO D 57 1.92 -2.06 -9.12
N GLU D 58 0.78 -2.53 -9.62
CA GLU D 58 -0.47 -2.56 -8.83
C GLU D 58 -0.24 -3.24 -7.46
N TYR D 59 0.37 -4.43 -7.48
CA TYR D 59 0.67 -5.16 -6.29
C TYR D 59 1.63 -4.37 -5.35
N TRP D 60 2.68 -3.80 -5.92
CA TRP D 60 3.68 -3.07 -5.10
C TRP D 60 3.15 -1.75 -4.54
N ASP D 61 2.39 -1.02 -5.34
CA ASP D 61 1.77 0.24 -4.86
C ASP D 61 0.84 -0.13 -3.67
N GLY D 62 0.03 -1.19 -3.86
CA GLY D 62 -0.93 -1.67 -2.84
C GLY D 62 -0.24 -2.08 -1.54
N GLU D 63 0.75 -2.97 -1.64
CA GLU D 63 1.48 -3.40 -0.47
C GLU D 63 2.23 -2.23 0.18
N THR D 64 2.71 -1.30 -0.63
CA THR D 64 3.41 -0.15 -0.07
C THR D 64 2.43 0.72 0.73
N ARG D 65 1.22 0.94 0.19
CA ARG D 65 0.22 1.73 0.93
C ARG D 65 -0.20 1.03 2.25
N LYS D 66 -0.42 -0.28 2.21
CA LYS D 66 -0.86 -0.99 3.41
C LYS D 66 0.28 -1.06 4.46
N VAL D 67 1.50 -1.34 4.02
CA VAL D 67 2.63 -1.45 4.97
C VAL D 67 2.89 -0.07 5.62
N LYS D 68 2.66 0.99 4.87
CA LYS D 68 2.79 2.35 5.42
C LYS D 68 1.76 2.60 6.51
N ALA D 69 0.51 2.14 6.26
CA ALA D 69 -0.59 2.28 7.27
C ALA D 69 -0.25 1.47 8.56
N HIS D 70 0.25 0.22 8.40
CA HIS D 70 0.70 -0.59 9.56
C HIS D 70 1.74 0.18 10.37
N SER D 71 2.61 0.91 9.66
CA SER D 71 3.66 1.69 10.29
C SER D 71 3.08 2.78 11.15
N GLN D 72 2.06 3.46 10.62
CA GLN D 72 1.41 4.54 11.34
C GLN D 72 0.66 4.04 12.58
N THR D 73 -0.02 2.89 12.48
CA THR D 73 -0.76 2.35 13.61
C THR D 73 0.19 2.01 14.73
N HIS D 74 1.38 1.54 14.37
CA HIS D 74 2.37 1.17 15.37
C HIS D 74 3.04 2.37 16.00
N ARG D 75 3.09 3.51 15.31
CA ARG D 75 3.68 4.70 15.93
C ARG D 75 2.73 5.15 17.02
N VAL D 76 1.42 5.07 16.73
CA VAL D 76 0.42 5.41 17.70
C VAL D 76 0.50 4.44 18.89
N ASP D 77 0.61 3.15 18.59
CA ASP D 77 0.70 2.13 19.63
C ASP D 77 1.78 2.43 20.65
N LEU D 78 2.98 2.86 20.18
CA LEU D 78 4.12 3.14 21.09
C LEU D 78 3.81 4.20 22.11
N GLY D 79 3.11 5.26 21.67
CA GLY D 79 2.71 6.34 22.56
C GLY D 79 1.61 5.87 23.50
N THR D 80 0.62 5.14 22.97
CA THR D 80 -0.50 4.63 23.76
C THR D 80 -0.01 3.72 24.88
N LEU D 81 0.89 2.82 24.54
CA LEU D 81 1.42 1.87 25.50
C LEU D 81 2.24 2.56 26.60
N ARG D 82 2.99 3.61 26.26
CA ARG D 82 3.73 4.34 27.31
C ARG D 82 2.76 4.76 28.37
N GLY D 83 1.62 5.31 27.93
CA GLY D 83 0.57 5.80 28.83
C GLY D 83 -0.02 4.70 29.70
N TYR D 84 -0.42 3.60 29.06
CA TYR D 84 -1.00 2.45 29.79
C TYR D 84 -0.09 1.98 30.95
N TYR D 85 1.22 1.95 30.72
CA TYR D 85 2.17 1.50 31.74
C TYR D 85 2.88 2.65 32.42
N ASN D 86 2.36 3.87 32.27
CA ASN D 86 2.96 5.03 32.93
C ASN D 86 4.51 5.00 32.84
N GLN D 87 5.03 5.09 31.61
CA GLN D 87 6.47 5.05 31.37
C GLN D 87 7.01 6.40 30.92
N SER D 88 8.26 6.70 31.29
CA SER D 88 8.88 7.96 30.92
C SER D 88 8.99 8.03 29.42
N GLU D 89 9.04 9.23 28.87
CA GLU D 89 9.11 9.38 27.42
C GLU D 89 10.59 9.30 26.90
N ALA D 90 11.56 9.11 27.81
CA ALA D 90 12.98 9.04 27.41
C ALA D 90 13.46 7.61 27.07
N GLY D 91 12.67 6.62 27.45
CA GLY D 91 13.06 5.21 27.23
C GLY D 91 12.63 4.65 25.91
N SER D 92 13.45 3.74 25.38
CA SER D 92 13.14 3.07 24.13
C SER D 92 12.29 1.81 24.39
N HIS D 93 11.28 1.62 23.56
CA HIS D 93 10.39 0.50 23.72
C HIS D 93 10.18 -0.20 22.44
N THR D 94 9.59 -1.38 22.51
CA THR D 94 9.43 -2.22 21.35
C THR D 94 8.07 -2.87 21.26
N VAL D 95 7.50 -2.81 20.06
CA VAL D 95 6.26 -3.47 19.77
C VAL D 95 6.49 -4.47 18.61
N GLN D 96 6.06 -5.73 18.80
CA GLN D 96 6.14 -6.72 17.73
C GLN D 96 4.72 -7.24 17.43
N ARG D 97 4.42 -7.48 16.15
CA ARG D 97 3.13 -8.03 15.73
C ARG D 97 3.34 -9.09 14.68
N MET D 98 2.67 -10.22 14.80
CA MET D 98 2.79 -11.30 13.79
C MET D 98 1.48 -11.88 13.47
N TYR D 99 1.25 -12.13 12.19
CA TYR D 99 0.02 -12.79 11.75
C TYR D 99 0.22 -13.60 10.47
N GLY D 100 -0.65 -14.56 10.27
CA GLY D 100 -0.57 -15.39 9.11
C GLY D 100 -1.50 -16.54 9.20
N CYS D 101 -1.43 -17.41 8.19
CA CYS D 101 -2.26 -18.52 8.10
C CYS D 101 -1.52 -19.74 7.66
N ASP D 102 -2.13 -20.90 7.98
CA ASP D 102 -1.60 -22.22 7.60
C ASP D 102 -2.65 -22.99 6.75
N VAL D 103 -2.19 -23.73 5.75
CA VAL D 103 -3.06 -24.62 4.97
C VAL D 103 -2.42 -25.96 5.06
N GLY D 104 -3.25 -27.01 5.07
CA GLY D 104 -2.75 -28.37 5.14
C GLY D 104 -2.27 -28.84 3.79
N SER D 105 -1.88 -30.10 3.71
CA SER D 105 -1.40 -30.69 2.45
C SER D 105 -2.51 -30.70 1.35
N ASP D 106 -3.71 -30.31 1.74
CA ASP D 106 -4.84 -30.22 0.80
C ASP D 106 -5.01 -28.75 0.35
N TRP D 107 -4.11 -27.89 0.82
CA TRP D 107 -4.11 -26.44 0.51
C TRP D 107 -5.39 -25.69 1.00
N ARG D 108 -6.19 -26.37 1.83
CA ARG D 108 -7.37 -25.75 2.43
C ARG D 108 -6.97 -25.12 3.81
N PHE D 109 -7.61 -24.00 4.17
CA PHE D 109 -7.33 -23.33 5.45
C PHE D 109 -7.23 -24.33 6.59
N LEU D 110 -6.15 -24.18 7.39
CA LEU D 110 -5.89 -25.08 8.53
C LEU D 110 -5.92 -24.31 9.87
N ARG D 111 -5.33 -23.13 9.88
CA ARG D 111 -5.26 -22.34 11.09
C ARG D 111 -4.79 -20.92 10.84
N GLY D 112 -5.26 -20.00 11.69
CA GLY D 112 -4.92 -18.60 11.58
C GLY D 112 -4.27 -18.11 12.85
N TYR D 113 -3.56 -16.98 12.74
CA TYR D 113 -2.81 -16.40 13.86
C TYR D 113 -2.78 -14.87 13.80
N HIS D 114 -2.76 -14.23 14.97
CA HIS D 114 -2.61 -12.74 15.11
C HIS D 114 -2.21 -12.47 16.57
N GLN D 115 -0.92 -12.19 16.78
CA GLN D 115 -0.34 -11.98 18.11
C GLN D 115 0.37 -10.64 18.18
N TYR D 116 0.49 -10.11 19.40
CA TYR D 116 1.09 -8.81 19.62
C TYR D 116 1.92 -8.85 20.90
N ALA D 117 3.10 -8.22 20.87
CA ALA D 117 4.00 -8.19 22.06
C ALA D 117 4.47 -6.80 22.32
N TYR D 118 4.78 -6.51 23.58
CA TYR D 118 5.30 -5.21 23.97
C TYR D 118 6.49 -5.47 24.87
N ASP D 119 7.63 -4.91 24.48
CA ASP D 119 8.87 -5.10 25.18
C ASP D 119 9.18 -6.59 25.39
N GLY D 120 8.98 -7.40 24.35
CA GLY D 120 9.35 -8.85 24.36
C GLY D 120 8.45 -9.82 25.13
N LYS D 121 7.33 -9.32 25.63
CA LYS D 121 6.37 -10.18 26.35
C LYS D 121 5.02 -10.15 25.64
N ASP D 122 4.32 -11.29 25.67
CA ASP D 122 2.98 -11.38 25.10
C ASP D 122 2.13 -10.23 25.67
N TYR D 123 1.33 -9.62 24.82
CA TYR D 123 0.41 -8.56 25.24
C TYR D 123 -1.04 -9.03 24.93
N ILE D 124 -1.32 -9.29 23.68
CA ILE D 124 -2.65 -9.78 23.28
C ILE D 124 -2.53 -10.70 22.11
N ALA D 125 -3.33 -11.77 22.10
CA ALA D 125 -3.29 -12.70 20.97
C ALA D 125 -4.68 -13.20 20.60
N LEU D 126 -4.89 -13.41 19.33
CA LEU D 126 -6.16 -13.91 18.84
C LEU D 126 -6.20 -15.39 19.14
N LYS D 127 -7.29 -15.88 19.65
CA LYS D 127 -7.36 -17.28 19.95
C LYS D 127 -7.66 -18.10 18.71
N GLU D 128 -7.51 -19.40 18.86
CA GLU D 128 -7.70 -20.40 17.81
C GLU D 128 -9.01 -20.25 17.05
N ASP D 129 -10.08 -20.06 17.77
CA ASP D 129 -11.40 -19.96 17.12
C ASP D 129 -11.51 -18.65 16.28
N LEU D 130 -10.46 -17.82 16.35
CA LEU D 130 -10.43 -16.55 15.63
C LEU D 130 -11.65 -15.64 16.01
N ARG D 131 -12.19 -15.86 17.22
CA ARG D 131 -13.33 -15.09 17.69
C ARG D 131 -13.09 -14.51 19.12
N SER D 132 -12.05 -14.99 19.81
CA SER D 132 -11.77 -14.56 21.20
C SER D 132 -10.36 -14.00 21.32
N TRP D 133 -10.11 -13.27 22.41
CA TRP D 133 -8.81 -12.67 22.68
C TRP D 133 -8.20 -13.13 23.99
N THR D 134 -6.85 -13.25 24.00
CA THR D 134 -6.08 -13.61 25.17
C THR D 134 -5.29 -12.37 25.60
N ALA D 135 -5.74 -11.71 26.66
CA ALA D 135 -5.07 -10.53 27.15
C ALA D 135 -4.16 -10.91 28.33
N ALA D 136 -2.90 -10.51 28.22
CA ALA D 136 -1.86 -10.85 29.21
C ALA D 136 -1.95 -10.11 30.57
N ASP D 137 -2.37 -8.83 30.55
CA ASP D 137 -2.47 -8.04 31.80
C ASP D 137 -3.60 -7.02 31.76
N MET D 138 -3.61 -6.12 32.74
CA MET D 138 -4.65 -5.11 32.83
C MET D 138 -4.64 -4.14 31.65
N ALA D 139 -3.44 -3.82 31.16
CA ALA D 139 -3.33 -2.91 29.98
C ALA D 139 -3.95 -3.59 28.75
N ALA D 140 -3.51 -4.81 28.47
CA ALA D 140 -4.01 -5.55 27.35
C ALA D 140 -5.52 -5.77 27.41
N GLN D 141 -6.08 -5.78 28.63
CA GLN D 141 -7.55 -5.94 28.79
C GLN D 141 -8.29 -4.77 28.24
N THR D 142 -7.68 -3.59 28.37
CA THR D 142 -8.25 -2.40 27.85
C THR D 142 -8.30 -2.51 26.30
N THR D 143 -7.21 -3.02 25.72
CA THR D 143 -7.15 -3.17 24.31
C THR D 143 -8.14 -4.18 23.83
N LYS D 144 -8.30 -5.25 24.61
CA LYS D 144 -9.23 -6.30 24.30
C LYS D 144 -10.68 -5.72 24.22
N HIS D 145 -11.02 -4.85 25.16
CA HIS D 145 -12.36 -4.25 25.14
C HIS D 145 -12.53 -3.37 23.88
N LYS D 146 -11.53 -2.57 23.58
CA LYS D 146 -11.55 -1.73 22.39
C LYS D 146 -11.80 -2.58 21.15
N TRP D 147 -10.99 -3.60 21.00
CA TRP D 147 -11.03 -4.47 19.86
C TRP D 147 -12.28 -5.29 19.80
N GLU D 148 -12.83 -5.62 20.96
CA GLU D 148 -14.10 -6.33 21.00
C GLU D 148 -15.22 -5.41 20.50
N ALA D 149 -15.17 -4.12 20.90
CA ALA D 149 -16.21 -3.13 20.50
C ALA D 149 -16.11 -2.77 19.00
N ALA D 150 -14.89 -2.77 18.47
CA ALA D 150 -14.65 -2.48 17.06
C ALA D 150 -14.76 -3.77 16.12
N HIS D 151 -15.14 -4.91 16.72
CA HIS D 151 -15.32 -6.18 15.96
C HIS D 151 -14.11 -6.53 15.12
N VAL D 152 -12.93 -6.39 15.72
CA VAL D 152 -11.67 -6.66 15.06
C VAL D 152 -11.47 -8.16 14.73
N ALA D 153 -11.84 -9.03 15.66
CA ALA D 153 -11.71 -10.48 15.45
C ALA D 153 -12.46 -10.89 14.18
N GLU D 154 -13.67 -10.40 14.01
CA GLU D 154 -14.48 -10.74 12.81
C GLU D 154 -13.76 -10.30 11.52
N GLN D 155 -13.11 -9.15 11.56
CA GLN D 155 -12.41 -8.64 10.42
C GLN D 155 -11.15 -9.47 10.16
N LEU D 156 -10.43 -9.84 11.22
CA LEU D 156 -9.23 -10.67 11.07
C LEU D 156 -9.54 -12.06 10.58
N ARG D 157 -10.60 -12.66 11.11
CA ARG D 157 -10.98 -14.00 10.69
C ARG D 157 -11.29 -14.04 9.16
N ALA D 158 -11.97 -12.99 8.66
CA ALA D 158 -12.31 -12.89 7.24
C ALA D 158 -11.02 -12.95 6.42
N TYR D 159 -10.03 -12.16 6.83
CA TYR D 159 -8.75 -12.14 6.17
C TYR D 159 -8.00 -13.50 6.28
N LEU D 160 -7.78 -13.94 7.50
CA LEU D 160 -7.02 -15.16 7.75
C LEU D 160 -7.61 -16.42 7.16
N GLU D 161 -8.92 -16.48 7.06
CA GLU D 161 -9.58 -17.66 6.57
C GLU D 161 -9.89 -17.58 5.06
N GLY D 162 -9.71 -16.41 4.48
CA GLY D 162 -9.98 -16.22 3.03
C GLY D 162 -8.81 -15.62 2.28
N THR D 163 -8.78 -14.28 2.25
CA THR D 163 -7.75 -13.54 1.55
C THR D 163 -6.31 -14.06 1.80
N CYS D 164 -6.00 -14.41 3.05
CA CYS D 164 -4.66 -14.91 3.42
C CYS D 164 -4.31 -16.25 2.71
N VAL D 165 -5.26 -17.19 2.69
CA VAL D 165 -5.01 -18.50 2.06
C VAL D 165 -4.99 -18.38 0.54
N GLU D 166 -5.81 -17.47 -0.02
CA GLU D 166 -5.83 -17.27 -1.52
C GLU D 166 -4.48 -16.70 -2.02
N TRP D 167 -3.93 -15.74 -1.32
CA TRP D 167 -2.62 -15.19 -1.69
C TRP D 167 -1.52 -16.26 -1.52
N LEU D 168 -1.64 -17.08 -0.47
CA LEU D 168 -0.64 -18.15 -0.21
C LEU D 168 -0.65 -19.18 -1.39
N ARG D 169 -1.85 -19.59 -1.83
CA ARG D 169 -1.99 -20.53 -2.97
C ARG D 169 -1.39 -19.91 -4.20
N ARG D 170 -1.72 -18.68 -4.45
CA ARG D 170 -1.21 -17.96 -5.59
C ARG D 170 0.32 -17.96 -5.57
N TYR D 171 0.93 -17.67 -4.40
CA TYR D 171 2.41 -17.65 -4.30
C TYR D 171 3.01 -19.05 -4.48
N LEU D 172 2.34 -20.05 -3.92
CA LEU D 172 2.79 -21.46 -4.06
C LEU D 172 2.83 -21.89 -5.51
N GLU D 173 1.93 -21.33 -6.32
CA GLU D 173 1.89 -21.68 -7.76
C GLU D 173 2.96 -20.90 -8.51
N ASN D 174 2.92 -19.59 -8.38
CA ASN D 174 3.85 -18.70 -9.06
C ASN D 174 5.32 -18.92 -8.63
N GLY D 175 5.52 -19.37 -7.40
CA GLY D 175 6.85 -19.64 -6.90
C GLY D 175 7.08 -21.13 -6.79
N LYS D 176 6.31 -21.91 -7.54
CA LYS D 176 6.40 -23.39 -7.50
C LYS D 176 7.87 -23.87 -7.43
N GLU D 177 8.72 -23.29 -8.26
CA GLU D 177 10.13 -23.65 -8.32
C GLU D 177 10.81 -23.54 -6.95
N THR D 178 10.60 -22.40 -6.28
CA THR D 178 11.21 -22.11 -4.99
C THR D 178 10.48 -22.71 -3.78
N LEU D 179 9.18 -22.53 -3.72
CA LEU D 179 8.39 -22.95 -2.53
C LEU D 179 7.95 -24.41 -2.46
N GLN D 180 7.68 -25.06 -3.60
CA GLN D 180 7.22 -26.46 -3.59
C GLN D 180 8.35 -27.45 -3.83
N ARG D 181 9.54 -27.09 -3.39
CA ARG D 181 10.70 -27.93 -3.57
C ARG D 181 11.21 -28.35 -2.24
N THR D 182 12.05 -29.36 -2.26
CA THR D 182 12.76 -29.74 -1.07
C THR D 182 14.19 -29.98 -1.49
N ASP D 183 15.11 -29.52 -0.66
CA ASP D 183 16.53 -29.76 -0.84
C ASP D 183 16.97 -30.69 0.31
N ALA D 184 17.20 -31.94 0.00
CA ALA D 184 17.64 -32.92 0.98
C ALA D 184 19.01 -32.52 1.56
N PRO D 185 19.27 -32.83 2.82
CA PRO D 185 20.54 -32.48 3.33
C PRO D 185 21.71 -33.30 2.76
N LYS D 186 22.78 -32.60 2.42
CA LYS D 186 23.99 -33.21 2.03
C LYS D 186 24.69 -33.36 3.38
N THR D 187 24.95 -34.58 3.76
CA THR D 187 25.50 -34.86 5.03
C THR D 187 26.93 -35.43 4.97
N HIS D 188 27.68 -35.20 6.05
CA HIS D 188 29.01 -35.75 6.21
C HIS D 188 29.38 -35.65 7.71
N MET D 189 30.40 -36.38 8.12
CA MET D 189 30.87 -36.39 9.49
C MET D 189 32.36 -36.01 9.52
N THR D 190 32.80 -35.44 10.64
CA THR D 190 34.20 -35.09 10.84
C THR D 190 34.63 -35.67 12.17
N HIS D 191 35.94 -35.91 12.29
CA HIS D 191 36.53 -36.49 13.47
C HIS D 191 37.78 -35.69 13.84
N HIS D 192 37.85 -35.27 15.10
CA HIS D 192 38.98 -34.50 15.55
C HIS D 192 39.38 -34.96 16.91
N ALA D 193 40.66 -35.23 17.08
CA ALA D 193 41.18 -35.66 18.36
C ALA D 193 41.15 -34.48 19.35
N VAL D 194 40.50 -34.70 20.49
CA VAL D 194 40.44 -33.69 21.54
C VAL D 194 41.72 -33.79 22.31
N SER D 195 42.16 -35.03 22.48
CA SER D 195 43.39 -35.36 23.17
C SER D 195 43.59 -36.82 22.96
N ASP D 196 44.41 -37.46 23.79
CA ASP D 196 44.55 -38.88 23.72
C ASP D 196 43.34 -39.43 24.49
N HIS D 197 42.88 -40.60 24.12
CA HIS D 197 41.73 -41.24 24.80
C HIS D 197 40.34 -40.59 24.51
N GLU D 198 40.29 -39.52 23.73
CA GLU D 198 39.00 -38.88 23.40
C GLU D 198 38.96 -38.21 22.04
N ALA D 199 37.76 -38.16 21.45
CA ALA D 199 37.57 -37.54 20.14
C ALA D 199 36.13 -37.11 19.95
N THR D 200 35.94 -36.01 19.25
CA THR D 200 34.63 -35.49 19.00
C THR D 200 34.19 -35.86 17.63
N LEU D 201 32.98 -36.42 17.53
CA LEU D 201 32.36 -36.79 16.24
C LEU D 201 31.28 -35.79 15.93
N ARG D 202 31.40 -35.09 14.80
CA ARG D 202 30.42 -34.11 14.42
C ARG D 202 29.69 -34.48 13.11
N CYS D 203 28.37 -34.63 13.23
CA CYS D 203 27.49 -35.01 12.12
C CYS D 203 26.90 -33.76 11.47
N TRP D 204 27.21 -33.54 10.20
CA TRP D 204 26.72 -32.34 9.48
C TRP D 204 25.55 -32.57 8.54
N ALA D 205 24.65 -31.56 8.48
CA ALA D 205 23.54 -31.49 7.54
C ALA D 205 23.64 -30.11 6.87
N LEU D 206 23.85 -30.12 5.57
CA LEU D 206 24.03 -28.90 4.84
C LEU D 206 23.15 -28.77 3.60
N SER D 207 22.99 -27.50 3.19
CA SER D 207 22.25 -27.13 1.99
C SER D 207 20.81 -27.71 1.92
N PHE D 208 20.10 -27.70 3.04
CA PHE D 208 18.73 -28.27 3.08
C PHE D 208 17.60 -27.23 3.17
N TYR D 209 16.42 -27.67 2.73
CA TYR D 209 15.20 -26.83 2.78
C TYR D 209 14.00 -27.76 2.70
N PRO D 210 12.95 -27.53 3.53
CA PRO D 210 12.79 -26.45 4.49
C PRO D 210 13.77 -26.58 5.71
N ALA D 211 13.63 -25.69 6.69
CA ALA D 211 14.56 -25.64 7.88
C ALA D 211 14.38 -26.78 8.92
N GLU D 212 13.17 -27.31 9.03
CA GLU D 212 12.85 -28.37 9.98
C GLU D 212 13.68 -29.65 9.71
N ILE D 213 14.33 -30.16 10.76
CA ILE D 213 15.16 -31.34 10.64
C ILE D 213 15.45 -31.93 12.04
N THR D 214 15.61 -33.26 12.10
CA THR D 214 15.95 -33.94 13.36
C THR D 214 17.29 -34.61 13.18
N LEU D 215 18.19 -34.35 14.11
CA LEU D 215 19.55 -34.80 14.03
C LEU D 215 19.94 -35.34 15.42
N THR D 216 20.21 -36.63 15.51
CA THR D 216 20.50 -37.26 16.80
C THR D 216 21.62 -38.27 16.74
N TRP D 217 22.21 -38.53 17.89
CA TRP D 217 23.22 -39.46 18.03
C TRP D 217 22.76 -40.61 18.87
N GLN D 218 23.26 -41.79 18.54
CA GLN D 218 22.96 -42.98 19.33
C GLN D 218 24.23 -43.71 19.58
N ARG D 219 24.29 -44.43 20.71
CA ARG D 219 25.42 -45.30 21.03
C ARG D 219 24.78 -46.64 21.20
N ASP D 220 25.24 -47.64 20.46
CA ASP D 220 24.57 -48.93 20.44
C ASP D 220 23.13 -48.55 20.02
N GLY D 221 22.12 -48.96 20.76
CA GLY D 221 20.72 -48.59 20.33
C GLY D 221 20.08 -47.32 20.98
N GLU D 222 20.77 -46.70 21.93
CA GLU D 222 20.15 -45.60 22.69
C GLU D 222 20.60 -44.15 22.42
N ASP D 223 19.60 -43.26 22.37
CA ASP D 223 19.82 -41.85 22.11
C ASP D 223 20.73 -41.22 23.19
N GLN D 224 21.63 -40.36 22.75
CA GLN D 224 22.57 -39.68 23.63
C GLN D 224 22.19 -38.18 23.77
N THR D 225 20.92 -37.87 23.57
CA THR D 225 20.42 -36.47 23.62
C THR D 225 21.00 -35.69 24.81
N GLN D 226 21.13 -36.38 25.93
CA GLN D 226 21.66 -35.81 27.14
C GLN D 226 23.20 -35.58 27.13
N ASP D 227 23.88 -35.97 26.07
CA ASP D 227 25.35 -35.77 25.94
C ASP D 227 25.74 -35.22 24.55
N THR D 228 24.74 -34.83 23.77
CA THR D 228 24.96 -34.28 22.43
C THR D 228 24.93 -32.77 22.46
N GLU D 229 25.81 -32.16 21.68
CA GLU D 229 25.85 -30.72 21.55
C GLU D 229 25.19 -30.36 20.20
N LEU D 230 23.97 -29.78 20.26
CA LEU D 230 23.24 -29.37 19.05
C LEU D 230 23.19 -27.87 18.93
N VAL D 231 23.56 -27.37 17.76
CA VAL D 231 23.50 -25.96 17.49
C VAL D 231 22.16 -25.66 16.84
N GLU D 232 21.73 -24.44 16.98
CA GLU D 232 20.53 -24.02 16.38
C GLU D 232 20.68 -24.07 14.83
N THR D 233 19.60 -24.45 14.16
CA THR D 233 19.56 -24.48 12.73
C THR D 233 19.81 -23.05 12.22
N ARG D 234 20.72 -22.91 11.23
CA ARG D 234 21.11 -21.58 10.76
C ARG D 234 21.06 -21.45 9.21
N PRO D 235 20.84 -20.22 8.70
CA PRO D 235 20.75 -19.98 7.27
C PRO D 235 22.11 -19.93 6.59
N ALA D 236 22.20 -20.53 5.40
CA ALA D 236 23.43 -20.49 4.63
C ALA D 236 23.56 -19.11 3.99
N GLY D 237 22.44 -18.52 3.65
CA GLY D 237 22.43 -17.20 3.04
C GLY D 237 21.95 -17.27 1.62
N ASP D 238 21.88 -18.49 1.09
CA ASP D 238 21.40 -18.72 -0.27
C ASP D 238 19.99 -19.34 -0.27
N GLY D 239 19.31 -19.26 0.86
CA GLY D 239 17.95 -19.83 0.96
C GLY D 239 17.92 -21.24 1.56
N THR D 240 19.11 -21.84 1.77
CA THR D 240 19.17 -23.18 2.40
C THR D 240 19.58 -23.04 3.92
N PHE D 241 19.61 -24.16 4.63
CA PHE D 241 19.95 -24.15 6.04
C PHE D 241 21.04 -25.14 6.39
N GLN D 242 21.59 -24.98 7.60
CA GLN D 242 22.64 -25.81 8.08
C GLN D 242 22.40 -26.19 9.53
N LYS D 243 23.02 -27.30 9.95
CA LYS D 243 22.93 -27.75 11.34
C LYS D 243 23.93 -28.86 11.54
N TRP D 244 24.46 -28.95 12.75
CA TRP D 244 25.35 -30.05 13.10
C TRP D 244 25.05 -30.49 14.52
N ALA D 245 25.54 -31.70 14.84
CA ALA D 245 25.39 -32.32 16.14
C ALA D 245 26.70 -33.12 16.44
N ALA D 246 27.29 -32.90 17.62
CA ALA D 246 28.54 -33.55 17.98
C ALA D 246 28.46 -34.27 19.35
N VAL D 247 29.31 -35.27 19.51
CA VAL D 247 29.41 -36.01 20.74
C VAL D 247 30.86 -36.33 20.92
N VAL D 248 31.33 -36.28 22.14
CA VAL D 248 32.68 -36.62 22.43
C VAL D 248 32.68 -38.08 22.78
N VAL D 249 33.48 -38.85 22.05
CA VAL D 249 33.53 -40.28 22.23
C VAL D 249 34.94 -40.75 22.65
N PRO D 250 35.00 -41.78 23.49
CA PRO D 250 36.28 -42.34 23.87
C PRO D 250 37.02 -42.85 22.62
N SER D 251 38.31 -42.49 22.48
CA SER D 251 39.04 -42.92 21.31
C SER D 251 38.98 -44.43 21.29
N GLY D 252 38.48 -45.00 20.21
CA GLY D 252 38.36 -46.46 20.11
C GLY D 252 36.91 -46.96 20.10
N GLN D 253 35.95 -46.10 20.44
CA GLN D 253 34.54 -46.53 20.46
C GLN D 253 33.69 -45.92 19.34
N GLU D 254 34.34 -45.34 18.33
CA GLU D 254 33.62 -44.71 17.20
C GLU D 254 32.56 -45.62 16.60
N GLN D 255 32.90 -46.90 16.53
CA GLN D 255 32.05 -47.95 15.95
C GLN D 255 30.62 -48.04 16.54
N ARG D 256 30.48 -47.66 17.82
CA ARG D 256 29.18 -47.77 18.54
C ARG D 256 28.20 -46.64 18.29
N TYR D 257 28.68 -45.55 17.75
CA TYR D 257 27.86 -44.37 17.55
C TYR D 257 27.27 -44.23 16.12
N THR D 258 26.00 -43.89 16.04
CA THR D 258 25.36 -43.67 14.78
C THR D 258 24.60 -42.35 14.82
N CYS D 259 24.77 -41.53 13.76
CA CYS D 259 24.03 -40.26 13.65
C CYS D 259 22.80 -40.55 12.79
N HIS D 260 21.65 -40.02 13.20
CA HIS D 260 20.42 -40.22 12.45
C HIS D 260 19.92 -38.92 11.95
N VAL D 261 19.61 -38.85 10.65
CA VAL D 261 19.14 -37.59 10.06
C VAL D 261 17.72 -37.79 9.50
N GLN D 262 16.84 -36.86 9.83
CA GLN D 262 15.46 -36.94 9.46
C GLN D 262 15.05 -35.61 8.82
N HIS D 263 14.57 -35.68 7.60
CA HIS D 263 14.19 -34.48 6.86
C HIS D 263 13.20 -34.84 5.78
N GLU D 264 12.31 -33.89 5.43
CA GLU D 264 11.25 -34.15 4.41
C GLU D 264 11.81 -34.52 3.02
N GLY D 265 12.93 -33.92 2.65
CA GLY D 265 13.55 -34.17 1.36
C GLY D 265 14.24 -35.54 1.19
N LEU D 266 14.31 -36.33 2.26
CA LEU D 266 14.98 -37.65 2.20
C LEU D 266 14.02 -38.82 1.95
N PRO D 267 14.36 -39.67 0.97
CA PRO D 267 13.51 -40.81 0.67
C PRO D 267 13.36 -41.74 1.88
N LYS D 268 14.37 -41.74 2.73
CA LYS D 268 14.40 -42.58 3.90
C LYS D 268 15.33 -41.90 4.94
N PRO D 269 14.99 -42.02 6.25
CA PRO D 269 15.91 -41.43 7.24
C PRO D 269 17.31 -42.07 7.15
N LEU D 270 18.34 -41.25 7.20
CA LEU D 270 19.71 -41.72 7.09
C LEU D 270 20.33 -42.09 8.41
N THR D 271 21.11 -43.19 8.39
CA THR D 271 21.87 -43.64 9.54
C THR D 271 23.33 -43.61 9.11
N LEU D 272 24.13 -42.78 9.77
CA LEU D 272 25.55 -42.62 9.45
C LEU D 272 26.44 -43.10 10.57
N ARG D 273 27.63 -43.55 10.21
CA ARG D 273 28.58 -44.09 11.18
C ARG D 273 30.03 -43.75 10.73
N TRP D 274 30.89 -43.43 11.69
CA TRP D 274 32.27 -43.09 11.36
C TRP D 274 32.96 -44.24 10.57
N GLU D 275 32.66 -45.48 10.89
CA GLU D 275 33.19 -46.58 10.09
C GLU D 275 32.45 -46.53 8.73
N MET E 1 12.03 -4.95 32.16
CA MET E 1 12.36 -4.98 30.73
C MET E 1 13.09 -6.25 30.39
N ILE E 2 12.51 -7.03 29.49
CA ILE E 2 13.13 -8.25 29.07
C ILE E 2 14.45 -7.97 28.33
N GLN E 3 15.46 -8.77 28.65
CA GLN E 3 16.75 -8.71 28.00
C GLN E 3 17.26 -10.12 27.81
N ARG E 4 17.45 -10.52 26.55
CA ARG E 4 17.97 -11.92 26.23
C ARG E 4 19.22 -11.76 25.45
N THR E 5 20.26 -12.53 25.79
CA THR E 5 21.59 -12.40 25.12
C THR E 5 21.62 -13.18 23.82
N PRO E 6 22.25 -12.62 22.79
CA PRO E 6 22.36 -13.24 21.51
C PRO E 6 23.25 -14.45 21.45
N LYS E 7 22.77 -15.48 20.79
CA LYS E 7 23.59 -16.64 20.55
C LYS E 7 24.35 -16.27 19.27
N ILE E 8 25.59 -16.71 19.16
CA ILE E 8 26.43 -16.33 18.06
C ILE E 8 27.06 -17.52 17.34
N GLN E 9 26.87 -17.57 16.04
CA GLN E 9 27.49 -18.59 15.23
C GLN E 9 28.17 -17.93 14.07
N VAL E 10 29.44 -18.31 13.84
CA VAL E 10 30.22 -17.79 12.76
C VAL E 10 30.63 -18.97 11.88
N TYR E 11 30.44 -18.84 10.58
CA TYR E 11 30.67 -19.92 9.66
C TYR E 11 30.62 -19.46 8.22
N SER E 12 30.99 -20.35 7.31
CA SER E 12 30.98 -20.05 5.88
C SER E 12 29.73 -20.68 5.21
N ARG E 13 29.27 -20.06 4.12
CA ARG E 13 28.12 -20.54 3.39
C ARG E 13 28.34 -21.94 2.87
N HIS E 14 29.53 -22.15 2.26
CA HIS E 14 29.91 -23.40 1.72
C HIS E 14 31.12 -23.89 2.45
N PRO E 15 31.39 -25.22 2.37
CA PRO E 15 32.58 -25.76 3.00
C PRO E 15 33.79 -24.92 2.60
N ALA E 16 34.59 -24.52 3.58
CA ALA E 16 35.74 -23.69 3.30
C ALA E 16 36.81 -24.42 2.54
N GLU E 17 37.18 -23.85 1.40
CA GLU E 17 38.23 -24.37 0.56
C GLU E 17 39.15 -23.23 0.23
N ASN E 18 40.40 -23.32 0.67
CA ASN E 18 41.38 -22.29 0.44
C ASN E 18 41.44 -21.82 -1.03
N GLY E 19 41.36 -20.51 -1.22
CA GLY E 19 41.44 -19.93 -2.54
C GLY E 19 40.14 -19.92 -3.34
N LYS E 20 39.05 -20.40 -2.76
CA LYS E 20 37.77 -20.41 -3.46
C LYS E 20 36.79 -19.43 -2.81
N SER E 21 36.20 -18.57 -3.63
N SER E 21 36.17 -18.60 -3.66
CA SER E 21 35.31 -17.55 -3.14
CA SER E 21 35.22 -17.59 -3.22
C SER E 21 34.11 -18.18 -2.37
C SER E 21 34.09 -18.20 -2.37
N ASN E 22 33.71 -17.49 -1.31
CA ASN E 22 32.65 -17.97 -0.42
C ASN E 22 31.96 -16.77 0.29
N PHE E 23 31.20 -17.06 1.33
CA PHE E 23 30.57 -16.03 2.15
C PHE E 23 30.84 -16.36 3.61
N LEU E 24 31.23 -15.34 4.37
CA LEU E 24 31.48 -15.48 5.82
C LEU E 24 30.23 -14.97 6.52
N ASN E 25 29.62 -15.83 7.33
CA ASN E 25 28.41 -15.47 8.03
C ASN E 25 28.58 -15.36 9.55
N CYS E 26 27.82 -14.44 10.15
CA CYS E 26 27.72 -14.32 11.58
C CYS E 26 26.22 -14.25 11.91
N TYR E 27 25.67 -15.34 12.42
CA TYR E 27 24.25 -15.42 12.74
C TYR E 27 23.99 -15.15 14.24
N VAL E 28 23.28 -14.04 14.52
CA VAL E 28 22.92 -13.67 15.89
C VAL E 28 21.45 -13.92 16.10
N SER E 29 21.12 -14.67 17.18
CA SER E 29 19.74 -15.03 17.45
C SER E 29 19.43 -15.11 18.95
N GLY E 30 18.12 -15.14 19.26
CA GLY E 30 17.63 -15.27 20.65
C GLY E 30 17.81 -14.04 21.50
N PHE E 31 17.95 -12.87 20.84
CA PHE E 31 18.20 -11.60 21.57
C PHE E 31 17.03 -10.61 21.64
N HIS E 32 17.03 -9.79 22.70
CA HIS E 32 16.02 -8.73 22.91
C HIS E 32 16.67 -7.77 23.96
N PRO E 33 16.58 -6.44 23.75
CA PRO E 33 15.95 -5.72 22.63
C PRO E 33 16.66 -5.95 21.32
N SER E 34 16.18 -5.27 20.27
CA SER E 34 16.71 -5.47 18.88
C SER E 34 18.00 -4.72 18.59
N ASP E 35 18.26 -3.64 19.32
CA ASP E 35 19.52 -2.85 19.11
C ASP E 35 20.74 -3.75 19.28
N ILE E 36 21.54 -3.90 18.23
CA ILE E 36 22.74 -4.73 18.32
C ILE E 36 23.81 -4.26 17.30
N GLU E 37 25.08 -4.37 17.68
CA GLU E 37 26.20 -4.05 16.78
C GLU E 37 26.92 -5.36 16.43
N VAL E 38 27.07 -5.62 15.13
CA VAL E 38 27.77 -6.82 14.66
C VAL E 38 28.82 -6.41 13.57
N ASP E 39 30.06 -6.88 13.73
CA ASP E 39 31.12 -6.62 12.76
C ASP E 39 31.90 -7.91 12.48
N LEU E 40 32.34 -8.05 11.23
CA LEU E 40 33.16 -9.18 10.84
C LEU E 40 34.60 -8.65 10.82
N LEU E 41 35.53 -9.45 11.33
CA LEU E 41 36.93 -9.07 11.43
C LEU E 41 37.82 -10.01 10.70
N LYS E 42 38.84 -9.45 10.04
CA LYS E 42 39.84 -10.20 9.33
C LYS E 42 41.19 -9.88 10.00
N ASN E 43 41.80 -10.91 10.60
CA ASN E 43 43.08 -10.74 11.30
C ASN E 43 43.03 -9.61 12.35
N GLY E 44 41.87 -9.46 12.99
CA GLY E 44 41.68 -8.45 14.05
C GLY E 44 41.13 -7.07 13.62
N GLU E 45 40.97 -6.84 12.31
CA GLU E 45 40.49 -5.53 11.81
C GLU E 45 39.05 -5.63 11.26
N ARG E 46 38.31 -4.53 11.31
CA ARG E 46 36.91 -4.50 10.90
C ARG E 46 36.72 -4.49 9.37
N ILE E 47 35.95 -5.45 8.87
CA ILE E 47 35.69 -5.56 7.43
C ILE E 47 34.62 -4.56 6.98
N GLU E 48 34.87 -3.89 5.85
CA GLU E 48 33.95 -2.93 5.30
C GLU E 48 33.00 -3.63 4.34
N LYS E 49 31.87 -3.00 4.07
CA LYS E 49 30.84 -3.52 3.12
C LYS E 49 30.08 -4.77 3.59
N VAL E 50 30.03 -4.98 4.90
CA VAL E 50 29.29 -6.14 5.43
C VAL E 50 27.82 -5.82 5.35
N GLU E 51 27.02 -6.80 4.98
CA GLU E 51 25.61 -6.60 4.86
C GLU E 51 24.88 -7.49 5.83
N HIS E 52 23.55 -7.28 5.94
CA HIS E 52 22.74 -8.06 6.86
C HIS E 52 21.31 -8.26 6.39
N SER E 53 20.69 -9.31 6.92
CA SER E 53 19.33 -9.65 6.58
C SER E 53 18.33 -8.71 7.29
N ASP E 54 17.08 -8.76 6.86
CA ASP E 54 16.07 -7.93 7.43
C ASP E 54 15.65 -8.49 8.81
N LEU E 55 15.58 -7.60 9.78
CA LEU E 55 15.23 -7.98 11.15
C LEU E 55 13.91 -8.77 11.23
N SER E 56 13.96 -9.90 11.92
CA SER E 56 12.78 -10.74 12.10
C SER E 56 12.88 -11.37 13.48
N PHE E 57 11.86 -12.14 13.86
CA PHE E 57 11.84 -12.75 15.21
C PHE E 57 11.21 -14.16 15.26
N SER E 58 11.46 -14.88 16.34
CA SER E 58 10.97 -16.27 16.52
C SER E 58 9.64 -16.31 17.23
N LYS E 59 9.11 -17.50 17.44
CA LYS E 59 7.83 -17.65 18.15
C LYS E 59 7.87 -17.06 19.54
N ASP E 60 9.05 -17.06 20.19
CA ASP E 60 9.16 -16.51 21.54
C ASP E 60 9.48 -14.97 21.53
N TRP E 61 9.40 -14.37 20.34
CA TRP E 61 9.65 -12.90 20.15
C TRP E 61 11.12 -12.52 20.12
N SER E 62 12.03 -13.47 20.32
CA SER E 62 13.44 -13.15 20.29
C SER E 62 13.88 -12.93 18.84
N PHE E 63 14.66 -11.88 18.60
CA PHE E 63 15.09 -11.51 17.24
C PHE E 63 16.21 -12.39 16.67
N TYR E 64 16.38 -12.32 15.32
CA TYR E 64 17.49 -13.01 14.64
C TYR E 64 17.95 -12.21 13.39
N LEU E 65 19.28 -12.20 13.18
CA LEU E 65 19.89 -11.50 12.05
C LEU E 65 21.06 -12.24 11.47
N LEU E 66 21.19 -12.18 10.14
CA LEU E 66 22.31 -12.75 9.49
C LEU E 66 23.17 -11.62 8.89
N TYR E 67 24.42 -11.55 9.37
CA TYR E 67 25.41 -10.63 8.85
C TYR E 67 26.31 -11.47 8.01
N TYR E 68 26.74 -10.94 6.85
CA TYR E 68 27.55 -11.71 5.93
C TYR E 68 28.37 -10.85 4.97
N THR E 69 29.46 -11.44 4.47
CA THR E 69 30.34 -10.78 3.48
C THR E 69 31.05 -11.82 2.61
N GLU E 70 31.33 -11.44 1.36
CA GLU E 70 32.01 -12.32 0.41
C GLU E 70 33.52 -12.40 0.79
N PHE E 71 34.11 -13.58 0.64
CA PHE E 71 35.52 -13.73 0.98
C PHE E 71 36.08 -15.01 0.42
N THR E 72 37.39 -15.08 0.38
CA THR E 72 38.06 -16.24 -0.09
C THR E 72 39.06 -16.55 0.97
N PRO E 73 38.83 -17.63 1.70
CA PRO E 73 39.69 -18.00 2.78
C PRO E 73 41.01 -18.52 2.33
N THR E 74 41.99 -18.39 3.20
CA THR E 74 43.33 -18.87 2.91
C THR E 74 43.79 -19.71 4.10
N GLU E 75 45.01 -20.20 4.03
CA GLU E 75 45.55 -21.04 5.10
C GLU E 75 45.66 -20.29 6.41
N LYS E 76 46.23 -19.09 6.36
CA LYS E 76 46.49 -18.31 7.59
C LYS E 76 45.55 -17.12 7.96
N ASP E 77 44.72 -16.63 7.05
CA ASP E 77 43.81 -15.51 7.41
C ASP E 77 42.88 -15.92 8.54
N GLU E 78 42.82 -15.08 9.58
CA GLU E 78 41.96 -15.33 10.76
C GLU E 78 40.71 -14.47 10.66
N TYR E 79 39.53 -15.09 10.85
CA TYR E 79 38.28 -14.37 10.81
C TYR E 79 37.51 -14.51 12.12
N ALA E 80 36.66 -13.50 12.42
CA ALA E 80 35.85 -13.51 13.65
C ALA E 80 34.65 -12.56 13.57
N CYS E 81 33.66 -12.80 14.43
CA CYS E 81 32.49 -11.97 14.54
C CYS E 81 32.52 -11.26 15.92
N ARG E 82 32.36 -9.93 15.92
CA ARG E 82 32.37 -9.12 17.15
C ARG E 82 30.97 -8.55 17.41
N VAL E 83 30.37 -8.95 18.53
CA VAL E 83 28.99 -8.55 18.87
C VAL E 83 28.90 -7.72 20.14
N ASN E 84 28.06 -6.69 20.10
CA ASN E 84 27.82 -5.87 21.25
C ASN E 84 26.33 -5.72 21.41
N HIS E 85 25.87 -5.83 22.66
CA HIS E 85 24.45 -5.81 22.96
C HIS E 85 24.35 -5.40 24.41
N VAL E 86 23.18 -4.90 24.82
CA VAL E 86 22.95 -4.41 26.20
C VAL E 86 23.20 -5.47 27.30
N THR E 87 22.99 -6.74 26.95
CA THR E 87 23.19 -7.85 27.90
C THR E 87 24.70 -8.27 28.03
N LEU E 88 25.60 -7.61 27.27
CA LEU E 88 27.06 -7.94 27.31
C LEU E 88 27.87 -6.78 27.89
N SER E 89 28.64 -7.06 28.95
CA SER E 89 29.46 -6.02 29.61
C SER E 89 30.56 -5.47 28.68
N GLN E 90 31.01 -6.31 27.76
CA GLN E 90 32.00 -5.91 26.76
C GLN E 90 31.71 -6.66 25.47
N PRO E 91 32.14 -6.11 24.33
CA PRO E 91 31.86 -6.80 23.08
C PRO E 91 32.40 -8.23 23.12
N LYS E 92 31.61 -9.18 22.61
CA LYS E 92 32.01 -10.55 22.57
C LYS E 92 32.58 -10.88 21.17
N ILE E 93 33.70 -11.61 21.16
CA ILE E 93 34.38 -11.98 19.92
C ILE E 93 34.38 -13.50 19.73
N VAL E 94 33.83 -13.97 18.62
CA VAL E 94 33.77 -15.42 18.32
C VAL E 94 34.56 -15.70 17.05
N LYS E 95 35.66 -16.47 17.18
CA LYS E 95 36.50 -16.80 16.07
C LYS E 95 35.86 -17.85 15.17
N TRP E 96 36.15 -17.75 13.87
CA TRP E 96 35.66 -18.71 12.91
C TRP E 96 36.48 -19.98 12.94
N ASP E 97 35.78 -21.10 13.02
CA ASP E 97 36.39 -22.38 13.02
C ASP E 97 35.83 -23.14 11.83
N ARG E 98 36.69 -23.46 10.89
CA ARG E 98 36.29 -24.18 9.63
C ARG E 98 35.27 -25.31 9.80
N ASP E 99 35.40 -26.11 10.87
CA ASP E 99 34.52 -27.27 11.07
C ASP E 99 33.46 -27.05 12.15
N MET E 100 32.92 -25.82 12.22
CA MET E 100 31.86 -25.47 13.19
C MET E 100 30.89 -24.48 12.52
N ALA F 1 0.05 -11.25 0.58
CA ALA F 1 -0.37 -9.83 0.69
C ALA F 1 -0.86 -9.49 2.12
N LEU F 2 -0.66 -8.24 2.51
CA LEU F 2 -1.00 -7.75 3.82
C LEU F 2 -2.53 -7.60 4.03
N ALA F 3 -2.95 -7.60 5.29
CA ALA F 3 -4.31 -7.42 5.62
C ALA F 3 -4.62 -5.92 5.47
N GLY F 4 -5.83 -5.61 5.04
CA GLY F 4 -6.24 -4.23 4.91
C GLY F 4 -7.18 -3.88 6.03
N ILE F 5 -7.79 -4.93 6.60
CA ILE F 5 -8.78 -4.79 7.65
C ILE F 5 -8.31 -5.47 8.96
N GLY F 6 -8.62 -4.85 10.08
CA GLY F 6 -8.27 -5.41 11.38
C GLY F 6 -6.98 -4.88 11.98
N ILE F 7 -6.34 -3.93 11.28
CA ILE F 7 -5.10 -3.34 11.80
C ILE F 7 -5.39 -2.03 12.47
N LEU F 8 -5.81 -2.12 13.72
CA LEU F 8 -6.17 -1.00 14.50
C LEU F 8 -5.15 -0.81 15.59
N THR F 9 -5.20 0.35 16.23
CA THR F 9 -4.29 0.69 17.31
C THR F 9 -4.79 0.09 18.64
N VAL F 10 -3.84 -0.29 19.51
CA VAL F 10 -4.19 -0.87 20.83
C VAL F 10 -4.88 0.17 21.75
#